data_4FE4
#
_entry.id   4FE4
#
_cell.length_a   124.500
_cell.length_b   124.500
_cell.length_c   189.800
_cell.angle_alpha   90.00
_cell.angle_beta   90.00
_cell.angle_gamma   120.00
#
_symmetry.space_group_name_H-M   'P 32 2 1'
#
_entity_poly.entity_id   1
_entity_poly.type   'polypeptide(L)'
_entity_poly.pdbx_seq_one_letter_code
;MFTKRHRITLLFNANKAYDRQVVEGVGEYLQASQSEWDIFIEEDFRARIDKIKDWLGDGVIADFDDKQIEQALADVDVPI
VGVGGSYHLAESYPPVHYIATDNYALVESAFLHLKEKGVNRFAFYGLPESSGKRWATEREYAFRQLVAEEKYRGVVYQGL
ETAPENWQHAQNRLADWLQTLPPQTGIIAVTDARARHILQVCEHLHIPVPEKLCVIGIDNEELTRYLSRVALSSVAQGAR
QMGYQAAKLLHRLLDKEEMPLQRILVPPVRVIERRSTDYRSLTDPAVIQAMHYIRNHACKGIKVDQVLDAVGISRSNLEK
RFKEEVGETIHAMIHAEKLEKARSLLISTTLSINEISQMCGYPSLQYFYSVFKKAYDTTPKEYRDVNSEVML
;
_entity_poly.pdbx_strand_id   A,B,C
#
# COMPACT_ATOMS: atom_id res chain seq x y z
N MET A 1 12.97 -8.66 46.66
CA MET A 1 12.48 -7.51 45.86
C MET A 1 12.63 -7.80 44.39
N PHE A 2 11.70 -7.30 43.59
CA PHE A 2 11.72 -7.51 42.14
C PHE A 2 12.99 -6.93 41.49
N THR A 3 14.07 -7.71 41.48
CA THR A 3 15.35 -7.30 40.87
C THR A 3 16.28 -8.49 40.55
N LYS A 4 15.71 -9.70 40.46
CA LYS A 4 16.47 -10.91 40.14
C LYS A 4 17.00 -10.78 38.72
N ARG A 5 18.13 -10.09 38.61
CA ARG A 5 18.75 -9.84 37.32
C ARG A 5 19.15 -11.16 36.64
N HIS A 6 18.64 -11.38 35.42
CA HIS A 6 18.93 -12.57 34.63
C HIS A 6 19.72 -12.11 33.39
N ARG A 7 21.02 -11.89 33.56
CA ARG A 7 21.88 -11.42 32.47
C ARG A 7 21.89 -12.37 31.27
N ILE A 8 20.90 -12.21 30.39
CA ILE A 8 20.77 -13.06 29.20
C ILE A 8 21.45 -12.44 27.96
N THR A 9 22.16 -13.26 27.17
CA THR A 9 22.80 -12.76 25.95
C THR A 9 22.10 -13.37 24.73
N LEU A 10 21.93 -12.58 23.69
CA LEU A 10 21.30 -13.07 22.48
C LEU A 10 22.31 -13.12 21.35
N LEU A 11 22.36 -14.25 20.65
CA LEU A 11 23.30 -14.42 19.53
C LEU A 11 22.62 -14.41 18.15
N PHE A 12 22.48 -13.21 17.59
CA PHE A 12 21.87 -13.03 16.28
C PHE A 12 22.63 -11.90 15.62
N ASN A 13 22.02 -11.30 14.60
CA ASN A 13 22.66 -10.18 13.91
C ASN A 13 21.62 -9.23 13.32
N ALA A 14 21.98 -8.00 12.99
CA ALA A 14 20.92 -7.15 12.44
C ALA A 14 20.88 -7.05 10.93
N ASN A 15 21.86 -7.70 10.27
CA ASN A 15 21.95 -7.72 8.82
C ASN A 15 20.59 -7.97 8.14
N LYS A 16 20.09 -9.20 8.25
CA LYS A 16 18.81 -9.60 7.68
C LYS A 16 17.68 -9.26 8.65
N ALA A 17 16.53 -8.87 8.13
CA ALA A 17 15.37 -8.50 8.96
C ALA A 17 14.90 -9.68 9.82
N TYR A 18 15.06 -10.88 9.28
CA TYR A 18 14.68 -12.13 9.94
C TYR A 18 15.33 -12.24 11.29
N ASP A 19 16.43 -11.53 11.46
CA ASP A 19 17.15 -11.50 12.72
C ASP A 19 16.63 -10.29 13.47
N ARG A 20 16.63 -9.14 12.80
CA ARG A 20 16.16 -7.92 13.44
C ARG A 20 14.73 -8.05 13.93
N GLN A 21 14.01 -9.03 13.41
CA GLN A 21 12.62 -9.27 13.83
C GLN A 21 12.60 -10.17 15.08
N VAL A 22 13.45 -11.19 15.11
CA VAL A 22 13.54 -12.13 16.23
C VAL A 22 13.94 -11.44 17.54
N VAL A 23 15.06 -10.73 17.56
CA VAL A 23 15.47 -10.03 18.77
C VAL A 23 14.42 -9.04 19.20
N GLU A 24 13.86 -8.28 18.26
CA GLU A 24 12.84 -7.32 18.66
C GLU A 24 11.70 -8.07 19.34
N GLY A 25 11.36 -9.24 18.80
CA GLY A 25 10.29 -10.05 19.38
C GLY A 25 10.59 -10.58 20.77
N VAL A 26 11.88 -10.71 21.10
CA VAL A 26 12.27 -11.14 22.43
C VAL A 26 11.87 -9.98 23.29
N GLY A 27 12.21 -8.78 22.81
CA GLY A 27 11.87 -7.55 23.51
C GLY A 27 10.37 -7.46 23.64
N GLU A 28 9.66 -8.33 22.93
CA GLU A 28 8.22 -8.36 22.98
C GLU A 28 7.79 -9.12 24.24
N TYR A 29 8.30 -10.33 24.41
CA TYR A 29 7.96 -11.11 25.59
C TYR A 29 8.50 -10.43 26.84
N LEU A 30 9.40 -9.48 26.64
CA LEU A 30 10.01 -8.76 27.76
C LEU A 30 9.02 -7.83 28.45
N GLN A 31 8.10 -7.23 27.69
CA GLN A 31 7.13 -6.36 28.31
C GLN A 31 6.11 -7.20 29.07
N ALA A 32 5.48 -8.15 28.38
CA ALA A 32 4.46 -9.04 28.96
C ALA A 32 4.87 -9.60 30.30
N SER A 33 6.16 -9.83 30.45
CA SER A 33 6.67 -10.39 31.67
C SER A 33 7.33 -9.38 32.57
N GLN A 34 7.80 -8.27 32.01
CA GLN A 34 8.47 -7.28 32.84
C GLN A 34 9.48 -8.01 33.66
N SER A 35 10.12 -8.99 33.06
CA SER A 35 11.04 -9.68 33.94
C SER A 35 12.29 -8.80 34.13
N GLU A 36 13.09 -9.13 35.13
CA GLU A 36 14.25 -8.31 35.35
C GLU A 36 15.43 -8.99 34.70
N TRP A 37 15.42 -8.96 33.36
CA TRP A 37 16.43 -9.56 32.53
C TRP A 37 17.49 -8.57 32.05
N ASP A 38 18.76 -8.95 32.16
CA ASP A 38 19.88 -8.12 31.72
C ASP A 38 20.26 -8.65 30.35
N ILE A 39 19.57 -8.18 29.32
CA ILE A 39 19.76 -8.62 27.94
C ILE A 39 20.92 -7.95 27.17
N PHE A 40 21.96 -8.73 26.84
CA PHE A 40 23.15 -8.24 26.11
C PHE A 40 23.21 -8.72 24.66
N ILE A 41 23.94 -7.96 23.83
CA ILE A 41 24.14 -8.24 22.41
C ILE A 41 25.63 -8.19 22.06
N GLU A 42 26.35 -9.27 22.39
CA GLU A 42 27.78 -9.37 22.09
C GLU A 42 28.03 -10.53 21.11
N GLU A 43 28.13 -10.18 19.82
CA GLU A 43 28.37 -11.15 18.75
C GLU A 43 28.00 -10.51 17.42
N PHE A 45 30.29 -10.67 16.24
CA PHE A 45 31.44 -11.54 16.06
C PHE A 45 31.59 -12.55 17.19
N ARG A 46 32.66 -13.33 17.13
CA ARG A 46 32.93 -14.35 18.13
C ARG A 46 34.42 -14.66 18.18
N TRP A 55 31.92 -15.06 31.44
CA TRP A 55 32.09 -14.35 30.17
C TRP A 55 30.75 -14.23 29.47
N LEU A 56 30.26 -15.37 28.98
CA LEU A 56 28.98 -15.46 28.30
C LEU A 56 27.89 -14.74 29.12
N GLY A 57 27.30 -15.43 30.10
CA GLY A 57 26.25 -14.84 30.93
C GLY A 57 25.38 -15.85 31.66
N ASP A 58 24.27 -15.40 32.23
CA ASP A 58 23.34 -16.30 32.94
C ASP A 58 22.51 -17.21 31.99
N GLY A 59 21.98 -16.65 30.90
CA GLY A 59 21.18 -17.40 29.92
C GLY A 59 21.40 -16.96 28.47
N VAL A 60 21.04 -17.81 27.50
CA VAL A 60 21.26 -17.48 26.08
C VAL A 60 20.07 -17.69 25.12
N ILE A 61 20.26 -17.31 23.86
CA ILE A 61 19.30 -17.42 22.75
C ILE A 61 20.14 -17.18 21.49
N ALA A 62 20.07 -18.07 20.49
CA ALA A 62 20.89 -17.87 19.28
C ALA A 62 20.37 -18.48 17.99
N ASP A 63 20.92 -18.00 16.88
CA ASP A 63 20.57 -18.47 15.54
C ASP A 63 21.36 -19.74 15.26
N PHE A 64 20.70 -20.87 15.44
CA PHE A 64 21.35 -22.15 15.22
C PHE A 64 21.35 -22.68 13.80
N ASP A 65 20.84 -21.88 12.86
CA ASP A 65 20.86 -22.31 11.46
C ASP A 65 22.33 -22.35 11.10
N ASP A 66 23.13 -21.55 11.79
CA ASP A 66 24.56 -21.51 11.54
C ASP A 66 25.24 -22.54 12.45
N LYS A 67 25.71 -23.66 11.89
CA LYS A 67 26.34 -24.69 12.73
C LYS A 67 27.44 -24.14 13.62
N GLN A 68 28.11 -23.11 13.12
CA GLN A 68 29.20 -22.44 13.84
C GLN A 68 28.92 -22.14 15.30
N ILE A 69 27.72 -21.69 15.64
CA ILE A 69 27.47 -21.41 17.07
C ILE A 69 26.78 -22.57 17.86
N GLU A 70 26.36 -23.61 17.13
CA GLU A 70 25.65 -24.75 17.70
C GLU A 70 26.64 -25.80 18.17
N GLN A 71 27.81 -25.81 17.54
CA GLN A 71 28.88 -26.78 17.85
C GLN A 71 29.88 -26.39 18.97
N ALA A 72 30.00 -25.08 19.19
CA ALA A 72 30.91 -24.52 20.16
C ALA A 72 30.25 -24.31 21.50
N LEU A 73 28.99 -23.90 21.48
CA LEU A 73 28.25 -23.68 22.71
C LEU A 73 27.73 -25.01 23.28
N ALA A 74 27.96 -26.11 22.57
CA ALA A 74 27.51 -27.42 23.02
C ALA A 74 28.49 -27.99 24.07
N ASP A 75 28.77 -27.17 25.08
CA ASP A 75 29.67 -27.52 26.17
C ASP A 75 29.13 -26.94 27.49
N VAL A 76 28.55 -25.74 27.41
CA VAL A 76 27.95 -25.06 28.56
C VAL A 76 26.54 -25.67 28.71
N ASP A 77 25.78 -25.36 29.76
CA ASP A 77 24.44 -25.95 29.90
C ASP A 77 23.40 -24.95 30.38
N VAL A 78 23.84 -23.70 30.57
CA VAL A 78 22.92 -22.67 30.99
C VAL A 78 21.75 -22.71 29.99
N PRO A 79 20.57 -22.21 30.37
CA PRO A 79 19.38 -22.18 29.51
C PRO A 79 19.57 -21.56 28.10
N ILE A 80 19.62 -22.40 27.06
CA ILE A 80 19.77 -21.93 25.68
C ILE A 80 18.60 -22.38 24.83
N VAL A 81 18.04 -21.45 24.06
CA VAL A 81 16.91 -21.72 23.17
C VAL A 81 17.36 -21.31 21.76
N GLY A 82 17.61 -22.31 20.91
CA GLY A 82 18.05 -22.04 19.55
C GLY A 82 16.93 -21.77 18.56
N VAL A 83 17.16 -20.81 17.67
CA VAL A 83 16.18 -20.45 16.65
C VAL A 83 16.74 -20.84 15.29
N GLY A 84 15.87 -20.87 14.28
CA GLY A 84 16.30 -21.23 12.94
C GLY A 84 15.21 -21.68 12.00
N GLY A 85 15.53 -22.61 11.13
CA GLY A 85 14.54 -23.11 10.20
C GLY A 85 14.25 -24.57 10.49
N SER A 86 12.97 -24.92 10.49
CA SER A 86 12.53 -26.29 10.76
C SER A 86 13.22 -27.30 9.87
N TYR A 87 12.95 -28.59 10.13
CA TYR A 87 13.50 -29.71 9.37
C TYR A 87 12.41 -30.78 9.45
N HIS A 88 11.81 -31.12 8.31
CA HIS A 88 10.78 -32.16 8.28
C HIS A 88 11.39 -33.45 8.84
N LEU A 89 12.73 -33.54 8.79
CA LEU A 89 13.48 -34.70 9.29
C LEU A 89 14.06 -34.42 10.69
N ALA A 90 13.36 -34.89 11.72
CA ALA A 90 13.75 -34.68 13.12
C ALA A 90 15.23 -34.86 13.45
N GLU A 91 15.82 -35.97 13.01
CA GLU A 91 17.23 -36.26 13.30
C GLU A 91 18.25 -35.24 12.80
N SER A 92 17.78 -34.32 11.95
CA SER A 92 18.61 -33.24 11.38
C SER A 92 18.55 -32.03 12.32
N TYR A 93 18.19 -32.28 13.57
CA TYR A 93 18.07 -31.24 14.59
C TYR A 93 19.24 -31.24 15.58
N PRO A 94 19.86 -30.07 15.77
CA PRO A 94 20.98 -29.87 16.69
C PRO A 94 20.58 -30.16 18.14
N PRO A 95 21.56 -30.20 19.08
CA PRO A 95 21.28 -30.47 20.51
C PRO A 95 20.82 -29.26 21.33
N VAL A 96 19.51 -29.08 21.48
CA VAL A 96 18.96 -27.95 22.22
C VAL A 96 17.51 -27.71 21.81
N HIS A 97 16.71 -27.15 22.69
CA HIS A 97 15.31 -26.86 22.38
C HIS A 97 15.30 -25.95 21.17
N TYR A 98 14.91 -26.48 20.02
CA TYR A 98 14.91 -25.69 18.79
C TYR A 98 13.55 -25.08 18.45
N ILE A 99 13.40 -23.80 18.72
CA ILE A 99 12.18 -23.10 18.37
C ILE A 99 12.54 -22.47 17.04
N ALA A 100 11.96 -22.96 15.95
CA ALA A 100 12.26 -22.43 14.61
C ALA A 100 11.06 -22.11 13.75
N THR A 101 11.34 -21.57 12.56
CA THR A 101 10.29 -21.23 11.61
C THR A 101 10.12 -22.49 10.79
N ASP A 102 8.94 -22.68 10.19
CA ASP A 102 8.71 -23.88 9.39
C ASP A 102 8.99 -23.71 7.92
N ASN A 103 10.22 -24.02 7.53
CA ASN A 103 10.61 -23.89 6.13
C ASN A 103 9.44 -24.26 5.24
N TYR A 104 9.11 -25.53 5.17
CA TYR A 104 8.03 -25.98 4.31
C TYR A 104 6.79 -25.09 4.38
N ALA A 105 6.46 -24.62 5.57
CA ALA A 105 5.28 -23.77 5.69
C ALA A 105 5.44 -22.48 4.93
N LEU A 106 6.70 -22.11 4.66
CA LEU A 106 7.07 -20.86 3.96
C LEU A 106 6.96 -20.99 2.44
N VAL A 107 7.72 -21.92 1.89
CA VAL A 107 7.74 -22.19 0.46
C VAL A 107 6.28 -22.36 0.02
N GLU A 108 5.62 -23.37 0.57
CA GLU A 108 4.22 -23.63 0.24
C GLU A 108 3.35 -22.41 0.48
N SER A 109 3.85 -21.45 1.25
CA SER A 109 3.08 -20.26 1.54
C SER A 109 2.99 -19.35 0.31
N ALA A 110 4.14 -19.10 -0.31
CA ALA A 110 4.13 -18.26 -1.49
C ALA A 110 3.52 -19.06 -2.62
N PHE A 111 3.94 -20.31 -2.76
CA PHE A 111 3.41 -21.20 -3.82
C PHE A 111 1.91 -21.00 -4.03
N LEU A 112 1.13 -21.19 -2.97
CA LEU A 112 -0.31 -21.02 -3.10
C LEU A 112 -0.55 -19.61 -3.61
N HIS A 113 0.10 -18.61 -3.00
CA HIS A 113 -0.09 -17.24 -3.45
C HIS A 113 -0.04 -17.09 -4.97
N LEU A 114 0.88 -17.79 -5.62
CA LEU A 114 1.02 -17.72 -7.07
C LEU A 114 -0.24 -18.34 -7.70
N LYS A 115 -0.58 -19.56 -7.26
CA LYS A 115 -1.74 -20.29 -7.76
C LYS A 115 -3.05 -19.56 -7.47
N GLU A 116 -3.06 -18.79 -6.39
CA GLU A 116 -4.25 -18.04 -6.04
C GLU A 116 -4.38 -16.94 -7.12
N LYS A 117 -3.32 -16.22 -7.45
CA LYS A 117 -3.48 -15.23 -8.51
C LYS A 117 -3.71 -15.97 -9.85
N GLY A 118 -2.78 -16.79 -10.34
CA GLY A 118 -3.13 -17.49 -11.57
C GLY A 118 -2.26 -18.70 -11.86
N VAL A 119 -1.00 -18.35 -12.05
CA VAL A 119 0.11 -19.22 -12.32
C VAL A 119 -0.13 -20.72 -12.32
N ASN A 120 0.43 -21.40 -13.31
CA ASN A 120 0.27 -22.84 -13.47
C ASN A 120 1.57 -23.53 -13.85
N ARG A 121 2.65 -22.74 -13.84
CA ARG A 121 3.99 -23.20 -14.16
C ARG A 121 4.91 -22.65 -13.08
N PHE A 122 5.60 -23.52 -12.34
CA PHE A 122 6.45 -23.01 -11.27
C PHE A 122 7.90 -23.48 -11.30
N ALA A 123 8.78 -22.60 -10.84
CA ALA A 123 10.20 -22.86 -10.78
C ALA A 123 10.77 -22.27 -9.49
N PHE A 124 11.71 -22.99 -8.91
CA PHE A 124 12.34 -22.62 -7.65
C PHE A 124 13.80 -22.23 -7.83
N TYR A 125 14.13 -21.01 -7.39
CA TYR A 125 15.49 -20.50 -7.45
C TYR A 125 16.09 -20.72 -6.08
N GLY A 126 16.68 -21.89 -5.89
CA GLY A 126 17.26 -22.24 -4.60
C GLY A 126 18.62 -21.67 -4.28
N LEU A 127 19.58 -22.56 -4.06
CA LEU A 127 20.92 -22.13 -3.71
C LEU A 127 21.88 -23.30 -3.57
N PRO A 128 23.16 -23.10 -3.95
CA PRO A 128 24.22 -24.11 -3.89
C PRO A 128 24.40 -24.72 -2.50
N GLU A 129 24.45 -26.05 -2.41
CA GLU A 129 24.64 -26.73 -1.14
C GLU A 129 26.02 -26.34 -0.62
N SER A 130 26.73 -25.52 -1.41
CA SER A 130 28.08 -25.02 -1.10
C SER A 130 28.14 -23.69 -0.29
N SER A 131 26.97 -23.23 0.20
CA SER A 131 26.88 -22.02 1.02
C SER A 131 26.60 -22.53 2.44
N GLY A 132 27.30 -21.96 3.41
CA GLY A 132 27.13 -22.38 4.79
C GLY A 132 25.69 -22.70 5.13
N LYS A 133 24.77 -21.92 4.57
CA LYS A 133 23.35 -22.09 4.83
C LYS A 133 22.85 -23.46 4.45
N ARG A 134 21.88 -23.94 5.21
CA ARG A 134 21.30 -25.25 4.98
C ARG A 134 19.78 -25.22 4.90
N TRP A 135 19.20 -24.03 5.04
CA TRP A 135 17.76 -23.97 4.99
C TRP A 135 17.37 -23.89 3.53
N ALA A 136 18.35 -23.49 2.73
CA ALA A 136 18.17 -23.40 1.30
C ALA A 136 17.57 -24.73 0.88
N THR A 137 18.32 -25.78 1.21
CA THR A 137 17.96 -27.15 0.90
C THR A 137 16.59 -27.56 1.39
N GLU A 138 16.34 -27.31 2.66
CA GLU A 138 15.06 -27.68 3.21
C GLU A 138 13.89 -26.95 2.58
N ARG A 139 14.19 -25.85 1.89
CA ARG A 139 13.15 -25.09 1.22
C ARG A 139 13.02 -25.75 -0.16
N GLU A 140 14.03 -26.55 -0.56
CA GLU A 140 13.98 -27.25 -1.87
C GLU A 140 13.07 -28.48 -1.81
N TYR A 141 13.17 -29.23 -0.73
CA TYR A 141 12.32 -30.42 -0.56
C TYR A 141 10.91 -29.88 -0.30
N ALA A 142 10.84 -28.75 0.38
CA ALA A 142 9.55 -28.14 0.68
C ALA A 142 8.82 -27.85 -0.62
N PHE A 143 9.58 -27.38 -1.60
CA PHE A 143 9.04 -27.07 -2.90
C PHE A 143 8.62 -28.34 -3.62
N ARG A 144 9.55 -29.27 -3.76
CA ARG A 144 9.29 -30.54 -4.43
C ARG A 144 7.94 -31.15 -4.03
N GLN A 145 7.81 -31.49 -2.75
CA GLN A 145 6.61 -32.11 -2.19
C GLN A 145 5.28 -31.49 -2.65
N LEU A 146 5.24 -30.16 -2.83
CA LEU A 146 4.00 -29.46 -3.24
C LEU A 146 3.74 -29.37 -4.75
N VAL A 147 4.82 -29.34 -5.52
CA VAL A 147 4.76 -29.23 -6.97
C VAL A 147 4.32 -30.53 -7.63
N ALA A 148 4.86 -31.65 -7.15
CA ALA A 148 4.54 -32.95 -7.71
C ALA A 148 3.03 -33.28 -7.63
N GLU A 149 2.22 -32.34 -7.17
CA GLU A 149 0.76 -32.55 -7.08
C GLU A 149 0.08 -31.83 -8.25
N GLU A 150 0.73 -30.78 -8.74
CA GLU A 150 0.21 -29.96 -9.85
C GLU A 150 0.32 -30.70 -11.18
N LYS A 151 0.28 -29.93 -12.26
CA LYS A 151 0.38 -30.47 -13.62
C LYS A 151 1.83 -30.31 -14.16
N TYR A 152 2.27 -29.05 -14.24
CA TYR A 152 3.61 -28.72 -14.72
C TYR A 152 4.63 -28.97 -13.61
N ARG A 153 5.65 -29.76 -13.94
CA ARG A 153 6.71 -30.07 -13.01
C ARG A 153 7.29 -28.78 -12.45
N GLY A 154 8.46 -28.87 -11.83
CA GLY A 154 9.09 -27.69 -11.28
C GLY A 154 10.58 -27.69 -11.54
N VAL A 155 11.08 -26.63 -12.16
CA VAL A 155 12.50 -26.57 -12.44
C VAL A 155 13.20 -25.97 -11.25
N VAL A 156 14.43 -26.40 -11.01
CA VAL A 156 15.15 -25.88 -9.87
C VAL A 156 16.53 -25.43 -10.30
N TYR A 157 16.99 -24.29 -9.76
CA TYR A 157 18.30 -23.74 -10.10
C TYR A 157 19.14 -23.49 -8.86
N GLN A 158 20.44 -23.62 -9.02
CA GLN A 158 21.40 -23.43 -7.94
C GLN A 158 22.38 -22.31 -8.27
N GLY A 159 22.01 -21.08 -7.94
CA GLY A 159 22.85 -19.94 -8.23
C GLY A 159 24.32 -20.05 -7.86
N LEU A 160 24.92 -18.95 -7.41
CA LEU A 160 26.33 -18.93 -7.00
C LEU A 160 26.45 -18.45 -5.56
N GLU A 161 27.68 -18.36 -5.07
CA GLU A 161 27.97 -17.93 -3.71
C GLU A 161 27.13 -16.68 -3.38
N THR A 162 26.94 -16.41 -2.09
CA THR A 162 26.17 -15.23 -1.67
C THR A 162 26.64 -14.06 -2.53
N ALA A 163 27.96 -13.97 -2.76
CA ALA A 163 28.58 -12.92 -3.57
C ALA A 163 29.95 -13.42 -4.05
N PRO A 164 29.98 -14.26 -5.11
CA PRO A 164 31.23 -14.81 -5.66
C PRO A 164 32.23 -13.82 -6.26
N GLU A 165 33.42 -14.34 -6.56
CA GLU A 165 34.48 -13.55 -7.16
C GLU A 165 33.95 -12.96 -8.48
N ASN A 166 33.59 -13.85 -9.41
CA ASN A 166 33.06 -13.44 -10.70
C ASN A 166 31.63 -12.95 -10.50
N TRP A 167 31.52 -11.90 -9.70
CA TRP A 167 30.27 -11.24 -9.40
C TRP A 167 29.42 -11.27 -10.66
N GLN A 168 30.03 -10.82 -11.75
CA GLN A 168 29.43 -10.71 -13.08
C GLN A 168 29.04 -12.01 -13.78
N HIS A 169 29.82 -13.06 -13.56
CA HIS A 169 29.55 -14.35 -14.18
C HIS A 169 28.18 -14.88 -13.79
N ALA A 170 27.90 -14.86 -12.50
CA ALA A 170 26.63 -15.32 -11.99
C ALA A 170 25.51 -14.58 -12.71
N GLN A 171 25.67 -13.26 -12.84
CA GLN A 171 24.72 -12.37 -13.50
C GLN A 171 24.27 -12.83 -14.90
N ASN A 172 25.11 -13.64 -15.55
CA ASN A 172 24.85 -14.16 -16.89
C ASN A 172 24.56 -15.67 -16.85
N ARG A 173 25.23 -16.38 -15.93
CA ARG A 173 25.04 -17.82 -15.80
C ARG A 173 23.61 -18.17 -15.36
N LEU A 174 23.11 -17.41 -14.37
CA LEU A 174 21.76 -17.58 -13.82
C LEU A 174 20.70 -17.16 -14.84
N ALA A 175 21.05 -16.13 -15.62
CA ALA A 175 20.18 -15.59 -16.66
C ALA A 175 19.75 -16.67 -17.64
N ASP A 176 20.72 -17.41 -18.17
CA ASP A 176 20.42 -18.48 -19.12
C ASP A 176 19.22 -19.22 -18.59
N TRP A 177 19.27 -19.58 -17.31
CA TRP A 177 18.18 -20.28 -16.66
C TRP A 177 16.88 -19.50 -16.85
N LEU A 178 16.93 -18.19 -16.62
CA LEU A 178 15.74 -17.39 -16.76
C LEU A 178 15.01 -17.57 -18.08
N GLN A 179 15.76 -17.64 -19.19
CA GLN A 179 15.15 -17.82 -20.51
C GLN A 179 14.72 -19.26 -20.76
N THR A 180 15.36 -20.19 -20.06
CA THR A 180 15.08 -21.62 -20.16
C THR A 180 13.71 -22.08 -19.62
N LEU A 181 13.04 -21.21 -18.88
CA LEU A 181 11.74 -21.55 -18.31
C LEU A 181 10.59 -21.11 -19.21
N PRO A 182 9.46 -21.82 -19.13
CA PRO A 182 8.27 -21.51 -19.91
C PRO A 182 7.69 -20.19 -19.38
N PRO A 183 7.13 -19.33 -20.25
CA PRO A 183 6.52 -18.03 -19.90
C PRO A 183 5.44 -18.12 -18.84
N GLN A 184 5.17 -16.99 -18.18
CA GLN A 184 4.20 -16.90 -17.07
C GLN A 184 4.50 -17.94 -16.01
N THR A 185 5.74 -17.90 -15.50
CA THR A 185 6.12 -18.85 -14.48
C THR A 185 6.17 -18.08 -13.17
N GLY A 186 6.13 -18.86 -12.10
CA GLY A 186 6.23 -18.32 -10.76
C GLY A 186 7.58 -18.82 -10.33
N ILE A 187 8.52 -17.87 -10.23
CA ILE A 187 9.89 -18.14 -9.84
C ILE A 187 9.98 -17.80 -8.36
N ILE A 188 10.01 -18.82 -7.50
CA ILE A 188 10.13 -18.58 -6.05
C ILE A 188 11.62 -18.59 -5.71
N ALA A 189 12.04 -17.69 -4.83
CA ALA A 189 13.44 -17.64 -4.44
C ALA A 189 13.58 -17.92 -2.94
N VAL A 190 14.59 -18.70 -2.59
CA VAL A 190 14.86 -19.06 -1.20
C VAL A 190 14.59 -17.87 -0.31
N THR A 191 15.16 -16.73 -0.66
CA THR A 191 15.06 -15.51 0.14
C THR A 191 14.85 -14.27 -0.71
N ASP A 192 14.45 -13.17 -0.09
CA ASP A 192 14.26 -11.93 -0.83
C ASP A 192 15.62 -11.47 -1.29
N ALA A 193 16.64 -12.05 -0.71
CA ALA A 193 17.98 -11.70 -1.11
C ALA A 193 18.20 -12.24 -2.52
N ARG A 194 18.01 -13.56 -2.70
CA ARG A 194 18.21 -14.22 -4.01
C ARG A 194 17.22 -13.78 -5.08
N ALA A 195 15.96 -13.57 -4.71
CA ALA A 195 14.96 -13.12 -5.67
C ALA A 195 15.35 -11.75 -6.25
N ARG A 196 16.30 -11.10 -5.60
CA ARG A 196 16.79 -9.80 -6.06
C ARG A 196 17.48 -10.09 -7.40
N HIS A 197 18.46 -11.00 -7.35
CA HIS A 197 19.22 -11.40 -8.53
C HIS A 197 18.32 -11.41 -9.78
N ILE A 198 17.14 -11.99 -9.63
CA ILE A 198 16.12 -12.15 -10.67
C ILE A 198 15.56 -10.81 -11.19
N LEU A 199 14.87 -10.09 -10.32
CA LEU A 199 14.29 -8.78 -10.63
C LEU A 199 15.25 -7.80 -11.32
N GLN A 200 16.55 -8.01 -11.09
CA GLN A 200 17.59 -7.17 -11.67
C GLN A 200 18.06 -7.70 -13.04
N VAL A 201 18.20 -9.02 -13.16
CA VAL A 201 18.62 -9.64 -14.41
C VAL A 201 17.46 -9.52 -15.41
N CYS A 202 16.25 -9.79 -14.94
CA CYS A 202 15.07 -9.68 -15.80
C CYS A 202 14.95 -8.25 -16.30
N GLU A 203 15.40 -7.30 -15.48
CA GLU A 203 15.35 -5.88 -15.85
C GLU A 203 16.37 -5.61 -16.93
N HIS A 204 17.40 -6.44 -16.93
CA HIS A 204 18.50 -6.32 -17.90
C HIS A 204 18.15 -7.06 -19.19
N LEU A 205 17.80 -8.33 -19.08
CA LEU A 205 17.43 -9.10 -20.26
C LEU A 205 16.08 -8.63 -20.76
N HIS A 206 15.62 -7.48 -20.28
CA HIS A 206 14.32 -6.93 -20.66
C HIS A 206 13.30 -8.06 -20.67
N ILE A 207 13.14 -8.75 -19.54
CA ILE A 207 12.19 -9.86 -19.43
C ILE A 207 11.01 -9.45 -18.56
N PRO A 208 10.00 -8.80 -19.15
CA PRO A 208 8.80 -8.33 -18.45
C PRO A 208 8.41 -9.18 -17.26
N VAL A 209 8.20 -8.47 -16.15
CA VAL A 209 7.77 -9.05 -14.88
C VAL A 209 6.67 -8.10 -14.39
N PRO A 210 5.56 -8.68 -13.93
CA PRO A 210 5.35 -10.14 -13.88
C PRO A 210 4.83 -10.75 -15.18
N GLU A 211 4.64 -9.93 -16.21
CA GLU A 211 4.16 -10.40 -17.50
C GLU A 211 4.80 -11.75 -17.91
N LYS A 212 6.06 -11.73 -18.35
CA LYS A 212 6.72 -12.96 -18.78
C LYS A 212 6.98 -13.96 -17.66
N LEU A 213 7.50 -13.50 -16.52
CA LEU A 213 7.78 -14.40 -15.39
C LEU A 213 7.49 -13.72 -14.05
N CYS A 214 7.25 -14.54 -13.03
CA CYS A 214 6.97 -14.04 -11.70
C CYS A 214 8.06 -14.37 -10.69
N VAL A 215 8.38 -13.38 -9.86
CA VAL A 215 9.40 -13.47 -8.80
C VAL A 215 8.73 -13.41 -7.44
N ILE A 216 9.32 -14.05 -6.44
CA ILE A 216 8.74 -14.06 -5.10
C ILE A 216 9.70 -14.68 -4.07
N GLY A 217 9.86 -14.01 -2.93
CA GLY A 217 10.75 -14.49 -1.89
C GLY A 217 10.16 -14.65 -0.51
N ILE A 218 11.03 -14.96 0.46
CA ILE A 218 10.60 -15.18 1.82
C ILE A 218 10.92 -14.04 2.80
N ASP A 219 12.19 -13.91 3.19
CA ASP A 219 12.61 -12.88 4.15
C ASP A 219 11.81 -11.55 4.22
N ASN A 220 11.28 -11.11 3.09
CA ASN A 220 10.53 -9.84 2.96
C ASN A 220 11.25 -8.65 3.57
N GLU A 221 12.50 -8.87 3.96
CA GLU A 221 13.32 -7.83 4.56
C GLU A 221 13.04 -6.54 3.81
N GLU A 222 12.74 -5.49 4.57
CA GLU A 222 12.36 -4.19 4.04
C GLU A 222 13.47 -3.29 3.52
N LEU A 223 14.74 -3.64 3.72
CA LEU A 223 15.85 -2.80 3.24
C LEU A 223 16.08 -2.89 1.74
N THR A 224 16.42 -4.10 1.30
CA THR A 224 16.66 -4.38 -0.11
C THR A 224 15.42 -4.02 -0.97
N ARG A 225 14.38 -4.88 -0.97
CA ARG A 225 13.13 -4.65 -1.75
C ARG A 225 12.68 -3.19 -1.93
N TYR A 226 13.19 -2.31 -1.09
CA TYR A 226 12.85 -0.90 -1.18
C TYR A 226 13.36 -0.34 -2.51
N LEU A 227 14.62 -0.62 -2.81
CA LEU A 227 15.35 -0.14 -3.99
C LEU A 227 15.51 -1.07 -5.20
N SER A 228 14.73 -0.76 -6.23
CA SER A 228 14.69 -1.50 -7.51
C SER A 228 13.45 -0.96 -8.22
N ARG A 229 13.33 -1.19 -9.52
CA ARG A 229 12.16 -0.69 -10.24
C ARG A 229 10.91 -1.47 -9.82
N VAL A 230 11.08 -2.79 -9.74
CA VAL A 230 9.98 -3.66 -9.38
C VAL A 230 9.95 -3.95 -7.89
N ALA A 231 8.77 -3.86 -7.31
CA ALA A 231 8.62 -4.16 -5.90
C ALA A 231 8.60 -5.68 -5.82
N LEU A 232 9.44 -6.27 -4.97
CA LEU A 232 9.48 -7.73 -4.80
C LEU A 232 8.39 -8.23 -3.84
N SER A 233 7.35 -8.84 -4.40
CA SER A 233 6.26 -9.37 -3.58
C SER A 233 6.87 -10.49 -2.75
N SER A 234 6.41 -10.68 -1.52
CA SER A 234 6.99 -11.74 -0.69
C SER A 234 6.12 -12.28 0.45
N VAL A 235 6.65 -13.34 1.07
CA VAL A 235 6.03 -14.05 2.21
C VAL A 235 6.46 -13.28 3.48
N ALA A 236 5.95 -13.68 4.64
CA ALA A 236 6.33 -13.00 5.88
C ALA A 236 6.47 -14.01 6.99
N GLN A 237 7.70 -14.48 7.22
CA GLN A 237 7.97 -15.48 8.26
C GLN A 237 7.34 -15.06 9.58
N GLY A 238 7.43 -15.93 10.57
CA GLY A 238 6.89 -15.61 11.88
C GLY A 238 8.08 -15.34 12.79
N ALA A 239 9.00 -14.48 12.31
CA ALA A 239 10.24 -14.13 13.02
C ALA A 239 10.06 -13.42 14.37
N ARG A 240 9.15 -12.45 14.39
CA ARG A 240 8.85 -11.71 15.61
C ARG A 240 8.35 -12.73 16.63
N GLN A 241 7.24 -13.37 16.30
CA GLN A 241 6.59 -14.40 17.11
C GLN A 241 7.56 -15.51 17.52
N MET A 242 8.47 -15.81 16.61
CA MET A 242 9.51 -16.84 16.76
C MET A 242 10.52 -16.47 17.85
N GLY A 243 10.91 -15.19 17.89
CA GLY A 243 11.86 -14.73 18.88
C GLY A 243 11.13 -14.35 20.15
N TYR A 244 9.81 -14.44 20.11
CA TYR A 244 9.01 -14.12 21.26
C TYR A 244 8.78 -15.41 22.00
N GLN A 245 8.64 -16.49 21.25
CA GLN A 245 8.43 -17.78 21.85
C GLN A 245 9.73 -18.17 22.57
N ALA A 246 10.84 -18.01 21.86
CA ALA A 246 12.12 -18.36 22.43
C ALA A 246 12.32 -17.74 23.80
N ALA A 247 11.90 -16.50 24.02
CA ALA A 247 12.07 -15.90 25.34
C ALA A 247 11.12 -16.46 26.40
N LYS A 248 9.91 -16.86 26.00
CA LYS A 248 8.94 -17.44 26.95
C LYS A 248 9.37 -18.85 27.36
N LEU A 249 9.76 -19.66 26.38
CA LEU A 249 10.21 -20.99 26.67
C LEU A 249 11.51 -20.92 27.46
N LEU A 250 12.38 -19.98 27.12
CA LEU A 250 13.65 -19.82 27.83
C LEU A 250 13.43 -19.46 29.29
N HIS A 251 12.38 -18.67 29.56
CA HIS A 251 12.03 -18.27 30.92
C HIS A 251 11.57 -19.51 31.70
N ARG A 252 11.00 -20.46 30.97
CA ARG A 252 10.52 -21.69 31.54
C ARG A 252 11.67 -22.68 31.71
N LEU A 253 12.87 -22.29 31.31
CA LEU A 253 14.02 -23.17 31.44
C LEU A 253 14.82 -22.63 32.62
N LEU A 254 14.50 -21.41 33.02
CA LEU A 254 15.18 -20.80 34.17
C LEU A 254 14.49 -21.27 35.47
N ASP A 255 13.18 -21.43 35.41
CA ASP A 255 12.41 -21.92 36.56
C ASP A 255 12.68 -23.39 36.55
N LYS A 256 13.61 -23.73 35.67
CA LYS A 256 14.07 -25.08 35.50
C LYS A 256 13.01 -26.07 35.16
N GLU A 257 12.38 -26.05 34.01
CA GLU A 257 11.45 -27.14 33.89
C GLU A 257 12.23 -28.26 33.24
N GLU A 258 12.04 -29.50 33.65
CA GLU A 258 12.79 -30.45 32.86
C GLU A 258 11.81 -30.57 31.69
N MET A 259 12.37 -30.81 30.49
CA MET A 259 11.58 -30.87 29.24
C MET A 259 12.22 -31.74 28.16
N PRO A 260 11.39 -32.38 27.29
CA PRO A 260 12.04 -33.18 26.25
C PRO A 260 12.38 -32.11 25.20
N LEU A 261 13.60 -32.16 24.66
CA LEU A 261 14.02 -31.17 23.68
C LEU A 261 12.84 -30.61 22.89
N GLN A 262 12.47 -29.35 23.14
CA GLN A 262 11.34 -28.75 22.43
C GLN A 262 11.63 -28.25 21.00
N ARG A 263 10.64 -28.41 20.13
CA ARG A 263 10.77 -28.02 18.74
C ARG A 263 9.40 -27.59 18.22
N ILE A 264 9.12 -26.31 18.42
CA ILE A 264 7.86 -25.74 17.96
C ILE A 264 8.14 -25.05 16.63
N LEU A 265 7.13 -24.95 15.79
CA LEU A 265 7.29 -24.36 14.48
C LEU A 265 6.43 -23.13 14.29
N VAL A 266 7.08 -22.03 13.97
CA VAL A 266 6.39 -20.77 13.75
C VAL A 266 5.81 -20.69 12.33
N PRO A 267 4.50 -20.42 12.22
CA PRO A 267 3.80 -20.31 10.94
C PRO A 267 3.99 -18.90 10.37
N PRO A 268 4.34 -18.80 9.06
CA PRO A 268 4.54 -17.50 8.44
C PRO A 268 3.21 -16.75 8.48
N VAL A 269 3.31 -15.48 8.78
CA VAL A 269 2.20 -14.57 8.92
C VAL A 269 1.16 -14.47 7.83
N ARG A 270 1.51 -13.55 6.92
CA ARG A 270 0.78 -13.11 5.72
C ARG A 270 1.70 -13.36 4.55
N VAL A 271 1.44 -12.60 3.48
CA VAL A 271 2.21 -12.56 2.26
C VAL A 271 1.91 -11.20 1.64
N ILE A 272 2.81 -10.25 1.85
CA ILE A 272 2.64 -8.91 1.32
C ILE A 272 2.77 -9.05 -0.18
N GLU A 273 1.83 -8.44 -0.93
CA GLU A 273 1.80 -8.52 -2.39
C GLU A 273 2.33 -7.24 -3.04
N ARG A 274 3.18 -7.43 -4.03
CA ARG A 274 3.78 -6.31 -4.71
C ARG A 274 3.69 -6.53 -6.22
N ARG A 275 4.37 -5.65 -6.95
CA ARG A 275 4.43 -5.68 -8.39
C ARG A 275 4.99 -7.01 -8.93
N SER A 276 6.13 -7.45 -8.37
CA SER A 276 6.81 -8.68 -8.78
C SER A 276 5.88 -9.86 -9.02
N THR A 277 4.63 -9.73 -8.60
CA THR A 277 3.67 -10.81 -8.78
C THR A 277 2.33 -10.29 -9.28
N ASP A 278 2.18 -8.98 -9.40
CA ASP A 278 0.93 -8.39 -9.89
C ASP A 278 0.49 -9.04 -11.22
N TYR A 279 0.07 -10.30 -11.11
CA TYR A 279 -0.35 -11.10 -12.25
C TYR A 279 -1.81 -10.87 -12.54
N ARG A 280 -2.14 -10.86 -13.83
CA ARG A 280 -3.52 -10.69 -14.30
C ARG A 280 -3.83 -11.58 -15.51
N SER A 281 -3.31 -12.81 -15.47
CA SER A 281 -3.49 -13.83 -16.51
C SER A 281 -3.61 -13.31 -17.92
N LEU A 282 -2.76 -12.34 -18.24
CA LEU A 282 -2.75 -11.73 -19.54
C LEU A 282 -2.04 -12.73 -20.49
N THR A 283 -2.66 -13.09 -21.63
CA THR A 283 -2.05 -14.06 -22.57
C THR A 283 -1.74 -13.56 -24.01
N ASP A 284 -2.15 -12.33 -24.32
CA ASP A 284 -1.97 -11.71 -25.63
C ASP A 284 -0.64 -10.94 -25.76
N PRO A 285 0.27 -11.40 -26.66
CA PRO A 285 1.60 -10.82 -26.93
C PRO A 285 1.64 -9.30 -27.09
N ALA A 286 0.82 -8.79 -27.99
CA ALA A 286 0.76 -7.35 -28.24
C ALA A 286 0.12 -6.59 -27.08
N VAL A 287 -0.36 -7.33 -26.10
CA VAL A 287 -0.99 -6.75 -24.91
C VAL A 287 -0.02 -6.88 -23.74
N ILE A 288 0.76 -7.96 -23.79
CA ILE A 288 1.75 -8.25 -22.77
C ILE A 288 2.69 -7.09 -22.67
N GLN A 289 3.63 -7.02 -23.61
CA GLN A 289 4.58 -5.92 -23.58
C GLN A 289 3.78 -4.63 -23.53
N ALA A 290 2.64 -4.58 -24.19
CA ALA A 290 1.84 -3.36 -24.19
C ALA A 290 1.68 -2.86 -22.76
N MET A 291 1.37 -3.79 -21.89
CA MET A 291 1.12 -3.51 -20.49
C MET A 291 2.36 -3.21 -19.69
N HIS A 292 3.26 -4.17 -19.64
CA HIS A 292 4.48 -3.97 -18.91
C HIS A 292 4.86 -2.53 -19.20
N TYR A 293 4.71 -2.10 -20.46
CA TYR A 293 5.05 -0.72 -20.82
C TYR A 293 4.28 0.31 -20.03
N ILE A 294 2.97 0.28 -20.16
CA ILE A 294 2.10 1.21 -19.46
C ILE A 294 2.69 1.47 -18.05
N ARG A 295 3.08 0.36 -17.41
CA ARG A 295 3.66 0.31 -16.05
C ARG A 295 4.93 1.08 -15.83
N ASN A 296 5.91 0.75 -16.63
CA ASN A 296 7.23 1.35 -16.55
C ASN A 296 7.17 2.85 -16.80
N HIS A 297 6.54 3.24 -17.90
CA HIS A 297 6.47 4.65 -18.24
C HIS A 297 5.25 5.39 -17.77
N ALA A 298 4.34 4.72 -17.09
CA ALA A 298 3.12 5.36 -16.61
C ALA A 298 3.29 6.82 -16.16
N CYS A 299 3.75 7.04 -14.93
CA CYS A 299 3.92 8.41 -14.41
C CYS A 299 4.92 9.29 -15.17
N LYS A 300 5.30 8.86 -16.38
CA LYS A 300 6.22 9.62 -17.22
C LYS A 300 5.43 10.31 -18.33
N GLY A 301 4.09 10.25 -18.23
CA GLY A 301 3.21 10.86 -19.22
C GLY A 301 3.42 10.20 -20.57
N ILE A 302 2.65 9.15 -20.83
CA ILE A 302 2.80 8.43 -22.08
C ILE A 302 1.70 8.59 -23.10
N LYS A 303 2.15 8.58 -24.36
CA LYS A 303 1.30 8.69 -25.55
C LYS A 303 1.28 7.37 -26.30
N VAL A 304 0.68 7.44 -27.48
CA VAL A 304 0.48 6.32 -28.38
C VAL A 304 1.64 5.78 -29.25
N ASP A 305 2.16 6.61 -30.17
CA ASP A 305 3.26 6.25 -31.10
C ASP A 305 4.23 5.22 -30.51
N GLN A 306 4.76 5.55 -29.33
CA GLN A 306 5.68 4.68 -28.61
C GLN A 306 4.92 3.38 -28.32
N VAL A 307 3.82 3.51 -27.57
CA VAL A 307 2.97 2.39 -27.20
C VAL A 307 2.90 1.39 -28.34
N LEU A 308 2.75 1.93 -29.55
CA LEU A 308 2.66 1.13 -30.75
C LEU A 308 3.93 0.28 -30.94
N ASP A 309 5.01 0.90 -31.44
CA ASP A 309 6.28 0.20 -31.69
C ASP A 309 6.97 -0.32 -30.43
N ALA A 310 6.33 -0.07 -29.28
CA ALA A 310 6.86 -0.53 -27.99
C ALA A 310 6.57 -2.03 -27.86
N VAL A 311 5.37 -2.43 -28.31
CA VAL A 311 4.99 -3.84 -28.29
C VAL A 311 5.38 -4.24 -29.69
N GLY A 312 5.82 -3.23 -30.44
CA GLY A 312 6.24 -3.42 -31.81
C GLY A 312 5.10 -3.53 -32.79
N ILE A 313 4.03 -2.75 -32.55
CA ILE A 313 2.85 -2.80 -33.42
C ILE A 313 2.33 -1.43 -33.81
N SER A 314 2.24 -1.15 -35.10
CA SER A 314 1.74 0.14 -35.55
C SER A 314 0.40 0.47 -34.88
N ARG A 315 -0.06 1.71 -35.06
CA ARG A 315 -1.32 2.17 -34.49
C ARG A 315 -2.51 1.20 -34.60
N SER A 316 -2.88 0.87 -35.83
CA SER A 316 -4.01 -0.03 -36.09
C SER A 316 -3.84 -1.40 -35.45
N ASN A 317 -2.78 -2.10 -35.87
CA ASN A 317 -2.43 -3.45 -35.43
C ASN A 317 -2.17 -3.50 -33.91
N LEU A 318 -1.95 -2.33 -33.31
CA LEU A 318 -1.70 -2.23 -31.88
C LEU A 318 -3.04 -1.98 -31.17
N GLU A 319 -3.90 -1.21 -31.84
CA GLU A 319 -5.23 -0.85 -31.33
C GLU A 319 -6.15 -2.04 -31.35
N LYS A 320 -6.20 -2.69 -32.50
CA LYS A 320 -7.06 -3.84 -32.68
C LYS A 320 -6.93 -4.88 -31.60
N ARG A 321 -5.77 -4.89 -30.92
CA ARG A 321 -5.43 -5.88 -29.90
C ARG A 321 -5.76 -5.71 -28.40
N PHE A 322 -5.11 -4.72 -27.76
CA PHE A 322 -5.25 -4.41 -26.32
C PHE A 322 -6.70 -4.13 -26.07
N LYS A 323 -7.34 -3.60 -27.10
CA LYS A 323 -8.72 -3.28 -26.91
C LYS A 323 -9.55 -4.51 -26.51
N GLU A 324 -9.07 -5.74 -26.75
CA GLU A 324 -9.86 -6.96 -26.45
C GLU A 324 -9.77 -7.78 -25.13
N GLU A 325 -8.61 -7.71 -24.49
CA GLU A 325 -8.25 -8.55 -23.34
C GLU A 325 -8.39 -8.25 -21.85
N VAL A 326 -8.18 -6.99 -21.49
CA VAL A 326 -8.25 -6.58 -20.10
C VAL A 326 -9.19 -5.40 -19.94
N GLY A 327 -9.78 -4.97 -21.06
CA GLY A 327 -10.71 -3.85 -21.09
C GLY A 327 -10.29 -2.66 -20.24
N GLU A 328 -9.70 -1.65 -20.90
CA GLU A 328 -9.22 -0.46 -20.22
C GLU A 328 -8.44 0.41 -21.23
N THR A 329 -9.06 1.50 -21.65
CA THR A 329 -8.44 2.40 -22.62
C THR A 329 -7.01 2.77 -22.25
N ILE A 330 -6.34 3.46 -23.19
CA ILE A 330 -4.98 3.94 -22.98
C ILE A 330 -5.13 4.76 -21.70
N HIS A 331 -6.08 5.69 -21.73
CA HIS A 331 -6.35 6.56 -20.59
C HIS A 331 -6.79 5.77 -19.37
N ALA A 332 -7.51 4.68 -19.59
CA ALA A 332 -7.96 3.84 -18.49
C ALA A 332 -6.79 3.23 -17.73
N MET A 333 -5.72 2.87 -18.45
CA MET A 333 -4.56 2.27 -17.83
C MET A 333 -3.37 3.21 -17.55
N ILE A 334 -3.25 4.30 -18.31
CA ILE A 334 -2.14 5.25 -18.09
C ILE A 334 -2.42 5.96 -16.76
N HIS A 335 -3.66 5.85 -16.30
CA HIS A 335 -4.10 6.46 -15.05
C HIS A 335 -3.79 5.58 -13.85
N ALA A 336 -4.36 4.38 -13.82
CA ALA A 336 -4.18 3.42 -12.73
C ALA A 336 -2.73 3.03 -12.42
N GLU A 337 -1.89 3.00 -13.44
CA GLU A 337 -0.48 2.66 -13.25
C GLU A 337 0.29 3.90 -12.90
N LYS A 338 -0.38 5.05 -13.03
CA LYS A 338 0.20 6.35 -12.69
C LYS A 338 -0.34 6.79 -11.33
N LEU A 339 -1.30 6.03 -10.83
CA LEU A 339 -1.93 6.25 -9.53
C LEU A 339 -1.20 5.33 -8.57
N GLU A 340 -1.05 4.08 -8.97
CA GLU A 340 -0.32 3.11 -8.16
C GLU A 340 1.01 3.70 -7.81
N LYS A 341 1.75 4.11 -8.84
CA LYS A 341 3.07 4.71 -8.66
C LYS A 341 2.97 5.82 -7.62
N ALA A 342 1.79 6.43 -7.49
CA ALA A 342 1.59 7.49 -6.50
C ALA A 342 1.15 6.87 -5.17
N ARG A 343 0.36 5.79 -5.23
CA ARG A 343 -0.09 5.15 -4.00
C ARG A 343 1.10 4.57 -3.29
N SER A 344 2.05 4.03 -4.06
CA SER A 344 3.26 3.44 -3.50
C SER A 344 4.12 4.50 -2.83
N LEU A 345 4.27 5.64 -3.49
CA LEU A 345 5.07 6.77 -2.99
C LEU A 345 4.39 7.50 -1.84
N LEU A 346 3.68 6.74 -1.01
CA LEU A 346 2.97 7.28 0.14
C LEU A 346 3.01 6.26 1.29
N ILE A 347 2.28 5.15 1.15
CA ILE A 347 2.23 4.10 2.16
C ILE A 347 3.62 3.57 2.57
N SER A 348 4.41 3.10 1.61
CA SER A 348 5.75 2.57 1.88
C SER A 348 6.89 3.37 1.23
N THR A 349 6.94 4.67 1.53
CA THR A 349 7.99 5.55 1.02
C THR A 349 7.88 6.95 1.60
N THR A 350 8.52 7.12 2.77
CA THR A 350 8.55 8.38 3.49
C THR A 350 9.10 9.54 2.64
N LEU A 351 8.19 10.39 2.14
CA LEU A 351 8.56 11.53 1.31
C LEU A 351 7.56 12.67 1.48
N SER A 352 7.28 13.39 0.40
CA SER A 352 6.35 14.52 0.42
C SER A 352 5.00 14.17 -0.23
N ILE A 353 4.08 15.14 -0.28
CA ILE A 353 2.72 14.94 -0.87
C ILE A 353 2.51 15.76 -2.16
N ASN A 354 3.30 16.83 -2.29
CA ASN A 354 3.22 17.68 -3.47
C ASN A 354 4.39 17.37 -4.39
N GLU A 355 5.42 16.76 -3.83
CA GLU A 355 6.59 16.35 -4.59
C GLU A 355 6.23 15.11 -5.41
N ILE A 356 5.30 14.31 -4.90
CA ILE A 356 4.84 13.08 -5.55
C ILE A 356 3.90 13.35 -6.74
N SER A 357 3.20 14.47 -6.70
CA SER A 357 2.28 14.87 -7.76
C SER A 357 3.08 15.41 -8.96
N GLN A 358 4.28 15.90 -8.66
CA GLN A 358 5.21 16.44 -9.66
C GLN A 358 5.88 15.32 -10.46
N MET A 359 6.66 14.48 -9.77
CA MET A 359 7.36 13.35 -10.40
C MET A 359 6.43 12.17 -10.73
N CYS A 360 5.14 12.46 -10.92
CA CYS A 360 4.11 11.47 -11.25
C CYS A 360 3.12 12.02 -12.24
N GLY A 361 3.55 13.08 -12.92
CA GLY A 361 2.69 13.69 -13.91
C GLY A 361 1.33 14.11 -13.38
N TYR A 362 1.26 15.31 -12.79
CA TYR A 362 0.01 15.86 -12.24
C TYR A 362 0.18 17.38 -12.10
N PRO A 363 -0.65 18.17 -12.82
CA PRO A 363 -0.70 19.64 -12.86
C PRO A 363 -0.65 20.47 -11.53
N SER A 364 -1.72 20.42 -10.73
CA SER A 364 -1.83 21.17 -9.46
C SER A 364 -2.18 20.20 -8.32
N LEU A 365 -2.34 20.68 -7.09
CA LEU A 365 -2.69 19.74 -6.00
C LEU A 365 -4.07 19.14 -6.29
N GLN A 366 -5.01 20.04 -6.50
CA GLN A 366 -6.40 19.69 -6.79
C GLN A 366 -6.45 18.64 -7.89
N TYR A 367 -5.67 18.87 -8.93
CA TYR A 367 -5.64 17.95 -10.07
C TYR A 367 -5.06 16.58 -9.66
N PHE A 368 -4.58 16.50 -8.42
CA PHE A 368 -4.00 15.27 -7.89
C PHE A 368 -4.99 14.70 -6.87
N TYR A 369 -5.55 15.61 -6.09
CA TYR A 369 -6.51 15.26 -5.07
C TYR A 369 -7.85 14.92 -5.69
N SER A 370 -8.28 15.74 -6.64
CA SER A 370 -9.56 15.54 -7.31
C SER A 370 -9.71 14.12 -7.85
N VAL A 371 -8.72 13.67 -8.62
CA VAL A 371 -8.73 12.34 -9.25
C VAL A 371 -8.56 11.17 -8.27
N PHE A 372 -8.14 11.47 -7.04
CA PHE A 372 -7.94 10.45 -6.02
C PHE A 372 -9.29 9.96 -5.48
N LYS A 373 -10.06 10.90 -4.94
CA LYS A 373 -11.36 10.57 -4.39
C LYS A 373 -12.21 9.87 -5.46
N LYS A 374 -12.05 10.30 -6.72
CA LYS A 374 -12.81 9.71 -7.84
C LYS A 374 -12.64 8.18 -7.87
N ALA A 375 -11.67 7.68 -7.11
CA ALA A 375 -11.38 6.25 -7.06
C ALA A 375 -11.52 5.72 -5.64
N TYR A 376 -10.93 6.46 -4.71
CA TYR A 376 -10.99 6.10 -3.31
C TYR A 376 -11.83 7.17 -2.58
N ASP A 377 -12.70 6.76 -1.65
CA ASP A 377 -13.56 7.69 -0.90
C ASP A 377 -12.85 8.67 0.03
N THR A 378 -11.53 8.61 0.08
CA THR A 378 -10.74 9.50 0.94
C THR A 378 -9.87 10.49 0.14
N THR A 379 -8.81 11.00 0.77
CA THR A 379 -7.88 11.93 0.13
C THR A 379 -6.43 11.58 0.51
N PRO A 380 -5.44 12.28 -0.08
CA PRO A 380 -4.02 12.04 0.21
C PRO A 380 -3.63 12.00 1.69
N LYS A 381 -3.92 13.07 2.41
CA LYS A 381 -3.58 13.17 3.83
C LYS A 381 -4.25 12.10 4.67
N GLU A 382 -5.40 11.62 4.21
CA GLU A 382 -6.15 10.59 4.93
C GLU A 382 -5.46 9.29 4.66
N TYR A 383 -4.95 9.11 3.44
CA TYR A 383 -4.30 7.87 3.10
C TYR A 383 -2.82 7.75 3.49
N ARG A 384 -2.10 8.86 3.44
CA ARG A 384 -0.66 8.91 3.76
C ARG A 384 -0.21 8.07 5.01
N ASP A 385 -0.92 8.21 6.13
CA ASP A 385 -0.48 7.51 7.35
C ASP A 385 -1.30 6.22 7.49
N VAL A 386 -2.49 6.27 6.91
CA VAL A 386 -3.43 5.12 6.85
C VAL A 386 -2.85 3.70 6.75
N ASN A 387 -2.73 3.22 5.52
CA ASN A 387 -2.19 1.90 5.29
C ASN A 387 -0.68 2.00 5.05
N SER A 388 -0.04 3.03 5.60
CA SER A 388 1.40 3.23 5.45
C SER A 388 2.21 2.08 6.07
N GLU A 389 2.54 1.08 5.24
CA GLU A 389 3.32 -0.12 5.64
C GLU A 389 2.51 -1.25 6.29
N MET B 1 -31.11 -10.89 22.80
CA MET B 1 -31.71 -11.18 21.47
C MET B 1 -32.18 -9.88 20.83
N PHE B 2 -31.52 -9.48 19.75
CA PHE B 2 -31.87 -8.26 19.05
C PHE B 2 -33.24 -8.48 18.45
N THR B 3 -34.26 -8.08 19.19
CA THR B 3 -35.61 -8.26 18.73
C THR B 3 -36.38 -6.94 18.58
N LYS B 4 -35.80 -6.05 17.77
CA LYS B 4 -36.44 -4.77 17.49
C LYS B 4 -36.45 -4.55 15.97
N ARG B 5 -37.63 -4.75 15.40
CA ARG B 5 -37.88 -4.62 13.98
C ARG B 5 -38.78 -3.42 13.76
N HIS B 6 -38.29 -2.46 12.98
CA HIS B 6 -39.06 -1.26 12.67
C HIS B 6 -39.62 -1.47 11.27
N ARG B 7 -40.81 -0.95 11.01
CA ARG B 7 -41.41 -1.10 9.69
C ARG B 7 -40.81 -0.06 8.76
N ILE B 8 -40.26 -0.50 7.64
CA ILE B 8 -39.65 0.41 6.67
C ILE B 8 -40.36 0.37 5.32
N THR B 9 -40.71 1.54 4.81
CA THR B 9 -41.39 1.64 3.53
C THR B 9 -40.53 2.35 2.51
N LEU B 10 -40.70 1.93 1.27
CA LEU B 10 -39.97 2.48 0.15
C LEU B 10 -40.99 2.97 -0.91
N LEU B 11 -40.75 4.14 -1.48
CA LEU B 11 -41.63 4.73 -2.49
C LEU B 11 -40.87 5.02 -3.76
N PHE B 12 -40.62 3.96 -4.54
CA PHE B 12 -39.90 4.05 -5.82
C PHE B 12 -40.69 3.38 -6.97
N ASN B 13 -40.21 3.58 -8.19
CA ASN B 13 -40.83 3.05 -9.41
C ASN B 13 -40.15 1.75 -9.85
N ALA B 14 -40.68 0.62 -9.44
CA ALA B 14 -40.05 -0.62 -9.83
C ALA B 14 -40.04 -0.86 -11.34
N ASN B 15 -40.02 0.19 -12.16
CA ASN B 15 -40.02 -0.04 -13.60
C ASN B 15 -38.83 0.50 -14.40
N LYS B 16 -37.85 1.09 -13.70
CA LYS B 16 -36.66 1.63 -14.34
C LYS B 16 -35.35 1.04 -13.79
N ALA B 17 -34.41 0.75 -14.68
CA ALA B 17 -33.11 0.19 -14.30
C ALA B 17 -32.54 0.89 -13.04
N TYR B 18 -32.86 2.18 -12.87
CA TYR B 18 -32.42 3.08 -11.77
C TYR B 18 -33.07 2.88 -10.44
N ASP B 19 -34.40 2.80 -10.45
CA ASP B 19 -35.23 2.59 -9.24
C ASP B 19 -35.11 1.15 -8.82
N ARG B 20 -35.17 0.29 -9.82
CA ARG B 20 -35.06 -1.14 -9.60
C ARG B 20 -33.73 -1.44 -8.91
N GLN B 21 -32.69 -0.66 -9.22
CA GLN B 21 -31.38 -0.85 -8.63
C GLN B 21 -31.26 -0.22 -7.28
N VAL B 22 -31.67 1.05 -7.18
CA VAL B 22 -31.62 1.74 -5.90
C VAL B 22 -32.28 0.93 -4.80
N VAL B 23 -33.37 0.23 -5.12
CA VAL B 23 -34.05 -0.59 -4.12
C VAL B 23 -33.16 -1.77 -3.75
N GLU B 24 -32.65 -2.51 -4.72
CA GLU B 24 -31.77 -3.64 -4.45
C GLU B 24 -30.60 -3.23 -3.56
N GLY B 25 -30.25 -1.95 -3.62
CA GLY B 25 -29.18 -1.41 -2.78
C GLY B 25 -29.55 -1.49 -1.30
N VAL B 26 -30.82 -1.22 -0.97
CA VAL B 26 -31.31 -1.33 0.40
C VAL B 26 -31.27 -2.81 0.74
N GLY B 27 -31.88 -3.63 -0.11
CA GLY B 27 -31.92 -5.07 0.07
C GLY B 27 -30.55 -5.58 0.44
N GLU B 28 -29.52 -4.92 -0.06
CA GLU B 28 -28.14 -5.27 0.26
C GLU B 28 -27.78 -4.82 1.67
N TYR B 29 -28.26 -3.66 2.07
CA TYR B 29 -28.00 -3.22 3.41
C TYR B 29 -28.65 -4.18 4.39
N LEU B 30 -29.90 -4.60 4.11
CA LEU B 30 -30.57 -5.55 5.01
C LEU B 30 -29.65 -6.74 5.22
N GLN B 31 -28.76 -7.02 4.25
CA GLN B 31 -27.83 -8.14 4.37
C GLN B 31 -26.59 -7.99 5.26
N ALA B 32 -25.77 -6.97 5.02
CA ALA B 32 -24.54 -6.73 5.81
C ALA B 32 -24.70 -6.11 7.22
N SER B 33 -25.73 -5.31 7.40
CA SER B 33 -25.98 -4.70 8.70
C SER B 33 -26.83 -5.70 9.43
N GLN B 34 -27.45 -6.59 8.67
CA GLN B 34 -28.28 -7.63 9.24
C GLN B 34 -29.31 -7.00 10.19
N SER B 35 -29.46 -5.67 10.10
CA SER B 35 -30.41 -4.93 10.92
C SER B 35 -31.83 -5.47 10.70
N GLU B 36 -32.46 -5.96 11.77
CA GLU B 36 -33.80 -6.52 11.67
C GLU B 36 -34.93 -5.50 11.41
N TRP B 37 -35.17 -5.18 10.14
CA TRP B 37 -36.25 -4.25 9.77
C TRP B 37 -37.32 -5.04 9.04
N ASP B 38 -38.37 -4.34 8.62
CA ASP B 38 -39.50 -4.89 7.87
C ASP B 38 -39.74 -4.06 6.60
N ILE B 39 -38.82 -4.21 5.63
CA ILE B 39 -38.87 -3.47 4.39
C ILE B 39 -40.13 -3.74 3.58
N PHE B 40 -40.92 -2.69 3.39
CA PHE B 40 -42.17 -2.74 2.62
C PHE B 40 -42.10 -1.77 1.42
N ILE B 41 -42.20 -2.30 0.20
CA ILE B 41 -42.18 -1.49 -1.04
C ILE B 41 -43.58 -1.25 -1.50
N GLU B 42 -44.01 -0.01 -1.56
CA GLU B 42 -45.35 0.22 -2.00
C GLU B 42 -45.48 1.55 -2.67
N GLU B 43 -45.43 1.50 -3.98
CA GLU B 43 -45.54 2.65 -4.89
C GLU B 43 -44.60 2.43 -6.07
N PHE B 45 -47.50 3.67 -6.82
CA PHE B 45 -48.86 4.18 -6.86
C PHE B 45 -49.17 5.15 -5.70
N ARG B 46 -49.88 6.22 -6.03
CA ARG B 46 -50.28 7.24 -5.08
C ARG B 46 -51.14 8.30 -5.77
N TRP B 55 -50.34 5.29 8.51
CA TRP B 55 -50.35 4.75 7.15
C TRP B 55 -48.94 4.29 6.75
N LEU B 56 -48.05 5.27 6.56
CA LEU B 56 -46.66 5.03 6.21
C LEU B 56 -46.10 3.91 7.08
N GLY B 57 -44.80 3.69 6.99
CA GLY B 57 -44.20 2.68 7.82
C GLY B 57 -43.61 3.45 9.00
N ASP B 58 -42.43 3.05 9.43
CA ASP B 58 -41.73 3.77 10.52
C ASP B 58 -40.56 4.62 9.96
N GLY B 59 -40.26 4.45 8.69
CA GLY B 59 -39.16 5.17 8.09
C GLY B 59 -39.25 4.93 6.59
N VAL B 60 -39.17 5.99 5.80
CA VAL B 60 -39.22 5.80 4.36
C VAL B 60 -38.04 6.26 3.53
N ILE B 61 -37.94 5.66 2.35
CA ILE B 61 -36.89 5.99 1.43
C ILE B 61 -37.66 6.04 0.13
N ALA B 62 -37.93 7.25 -0.35
CA ALA B 62 -38.66 7.43 -1.59
C ALA B 62 -37.85 8.25 -2.62
N ASP B 63 -38.34 8.34 -3.84
CA ASP B 63 -37.65 9.11 -4.89
C ASP B 63 -37.95 10.58 -4.62
N PHE B 64 -36.90 11.40 -4.57
CA PHE B 64 -37.11 12.82 -4.29
C PHE B 64 -37.06 13.76 -5.51
N ASP B 65 -36.87 13.18 -6.69
CA ASP B 65 -36.85 13.99 -7.90
C ASP B 65 -38.30 14.27 -8.22
N ASP B 66 -39.18 13.51 -7.58
CA ASP B 66 -40.62 13.62 -7.78
C ASP B 66 -41.21 14.56 -6.74
N LYS B 67 -41.38 15.83 -7.12
CA LYS B 67 -41.92 16.85 -6.23
C LYS B 67 -43.28 16.48 -5.67
N GLN B 68 -44.07 15.72 -6.42
CA GLN B 68 -45.37 15.33 -5.91
C GLN B 68 -45.12 14.56 -4.59
N ILE B 69 -43.95 13.94 -4.46
CA ILE B 69 -43.60 13.19 -3.23
C ILE B 69 -43.27 14.12 -2.06
N GLU B 70 -42.22 14.94 -2.21
CA GLU B 70 -41.82 15.88 -1.16
C GLU B 70 -43.06 16.54 -0.55
N GLN B 71 -43.81 17.25 -1.39
CA GLN B 71 -45.03 17.98 -0.99
C GLN B 71 -46.11 17.10 -0.35
N ALA B 72 -46.24 15.85 -0.77
CA ALA B 72 -47.24 14.95 -0.18
C ALA B 72 -46.78 14.43 1.19
N LEU B 73 -45.51 14.03 1.28
CA LEU B 73 -44.95 13.52 2.52
C LEU B 73 -44.39 14.65 3.37
N ALA B 74 -44.68 15.88 2.97
CA ALA B 74 -44.21 17.04 3.72
C ALA B 74 -44.82 16.92 5.09
N ASP B 75 -44.40 17.81 5.99
CA ASP B 75 -44.95 17.83 7.34
C ASP B 75 -45.05 16.47 8.05
N VAL B 76 -44.07 15.58 7.85
CA VAL B 76 -44.10 14.29 8.53
C VAL B 76 -42.86 14.12 9.40
N ASP B 77 -43.03 13.37 10.48
CA ASP B 77 -42.00 13.12 11.49
C ASP B 77 -40.90 12.09 11.16
N VAL B 78 -41.28 10.80 11.23
CA VAL B 78 -40.41 9.66 10.97
C VAL B 78 -39.20 9.95 10.08
N PRO B 79 -38.04 9.31 10.35
CA PRO B 79 -36.82 9.51 9.57
C PRO B 79 -36.96 9.12 8.08
N ILE B 80 -36.89 10.12 7.19
CA ILE B 80 -37.01 9.92 5.73
C ILE B 80 -35.81 10.38 4.93
N VAL B 81 -35.14 9.45 4.25
CA VAL B 81 -34.00 9.82 3.41
C VAL B 81 -34.31 9.47 1.98
N GLY B 82 -34.45 10.50 1.14
CA GLY B 82 -34.77 10.26 -0.25
C GLY B 82 -33.58 10.04 -1.14
N VAL B 83 -33.82 10.02 -2.46
CA VAL B 83 -32.76 9.84 -3.45
C VAL B 83 -33.12 10.63 -4.70
N GLY B 84 -32.13 11.31 -5.27
CA GLY B 84 -32.41 12.08 -6.47
C GLY B 84 -31.18 12.37 -7.31
N GLY B 85 -30.97 13.63 -7.63
CA GLY B 85 -29.83 13.99 -8.43
C GLY B 85 -29.05 15.12 -7.82
N SER B 86 -27.74 15.10 -7.99
CA SER B 86 -26.84 16.12 -7.46
C SER B 86 -27.11 17.51 -8.02
N TYR B 87 -28.02 18.27 -7.42
CA TYR B 87 -28.35 19.61 -7.92
C TYR B 87 -27.15 20.54 -7.98
N HIS B 88 -27.29 21.55 -8.84
CA HIS B 88 -26.26 22.56 -9.09
C HIS B 88 -26.15 23.48 -7.86
N LEU B 89 -27.24 24.15 -7.54
CA LEU B 89 -27.30 25.04 -6.38
C LEU B 89 -27.42 24.21 -5.13
N ALA B 90 -26.44 24.33 -4.22
CA ALA B 90 -26.48 23.57 -2.98
C ALA B 90 -27.73 23.84 -2.14
N GLU B 91 -28.34 25.03 -2.28
CA GLU B 91 -29.54 25.34 -1.51
C GLU B 91 -30.77 24.83 -2.25
N SER B 92 -30.64 24.69 -3.55
CA SER B 92 -31.76 24.19 -4.33
C SER B 92 -32.30 22.93 -3.67
N TYR B 93 -31.40 22.05 -3.25
CA TYR B 93 -31.75 20.76 -2.62
C TYR B 93 -32.95 20.85 -1.70
N PRO B 94 -33.80 19.82 -1.72
CA PRO B 94 -34.97 19.88 -0.84
C PRO B 94 -34.51 19.79 0.63
N PRO B 95 -35.38 20.23 1.56
CA PRO B 95 -35.05 20.19 2.98
C PRO B 95 -35.12 18.76 3.51
N VAL B 96 -34.04 18.01 3.32
CA VAL B 96 -33.99 16.63 3.78
C VAL B 96 -32.64 16.01 3.45
N HIS B 97 -32.45 14.75 3.85
CA HIS B 97 -31.21 14.06 3.60
C HIS B 97 -31.19 13.46 2.22
N TYR B 98 -30.14 13.80 1.48
CA TYR B 98 -30.01 13.32 0.12
C TYR B 98 -28.88 12.33 -0.14
N ILE B 99 -29.18 11.41 -1.04
CA ILE B 99 -28.26 10.39 -1.52
C ILE B 99 -28.48 10.58 -3.01
N ALA B 100 -28.19 11.80 -3.48
CA ALA B 100 -28.36 12.18 -4.88
C ALA B 100 -27.34 11.49 -5.76
N THR B 101 -27.68 11.33 -7.04
CA THR B 101 -26.76 10.74 -7.99
C THR B 101 -25.98 11.91 -8.54
N ASP B 102 -24.65 11.80 -8.48
CA ASP B 102 -23.79 12.87 -8.93
C ASP B 102 -24.04 13.13 -10.41
N ASN B 103 -24.95 14.05 -10.70
CA ASN B 103 -25.27 14.38 -12.08
C ASN B 103 -24.02 14.69 -12.89
N TYR B 104 -23.45 15.85 -12.60
CA TYR B 104 -22.25 16.34 -13.27
C TYR B 104 -21.22 15.24 -13.62
N ALA B 105 -20.90 14.37 -12.66
CA ALA B 105 -19.94 13.31 -12.92
C ALA B 105 -20.36 12.40 -14.05
N LEU B 106 -21.66 12.16 -14.17
CA LEU B 106 -22.22 11.32 -15.22
C LEU B 106 -21.87 11.84 -16.61
N VAL B 107 -22.33 13.06 -16.91
CA VAL B 107 -22.07 13.69 -18.19
C VAL B 107 -20.57 13.68 -18.44
N GLU B 108 -19.83 13.87 -17.37
CA GLU B 108 -18.37 13.88 -17.42
C GLU B 108 -17.86 12.50 -17.77
N SER B 109 -18.19 11.51 -16.94
CA SER B 109 -17.77 10.13 -17.19
C SER B 109 -18.15 9.76 -18.62
N ALA B 110 -19.28 10.29 -19.07
CA ALA B 110 -19.76 10.05 -20.43
C ALA B 110 -18.89 10.82 -21.38
N PHE B 111 -18.81 12.13 -21.16
CA PHE B 111 -18.00 13.02 -22.01
C PHE B 111 -16.59 12.46 -22.20
N LEU B 112 -15.90 12.28 -21.10
CA LEU B 112 -14.56 11.75 -21.15
C LEU B 112 -14.48 10.43 -21.93
N HIS B 113 -15.61 9.84 -22.28
CA HIS B 113 -15.59 8.60 -23.07
C HIS B 113 -15.68 8.95 -24.57
N LEU B 114 -16.34 10.06 -24.89
CA LEU B 114 -16.49 10.51 -26.28
C LEU B 114 -15.27 11.29 -26.74
N LYS B 115 -14.65 12.01 -25.83
CA LYS B 115 -13.49 12.76 -26.21
C LYS B 115 -12.33 11.81 -26.22
N GLU B 116 -12.51 10.69 -25.52
CA GLU B 116 -11.48 9.66 -25.40
C GLU B 116 -11.17 9.06 -26.77
N LYS B 117 -12.16 8.39 -27.35
CA LYS B 117 -11.97 7.79 -28.66
C LYS B 117 -12.00 8.83 -29.81
N GLY B 118 -11.31 9.96 -29.60
CA GLY B 118 -11.18 11.01 -30.60
C GLY B 118 -12.15 12.15 -30.80
N VAL B 119 -13.41 11.79 -30.99
CA VAL B 119 -14.49 12.75 -31.20
C VAL B 119 -14.12 14.15 -30.70
N ASN B 120 -14.26 15.15 -31.57
CA ASN B 120 -13.93 16.53 -31.22
C ASN B 120 -15.14 17.47 -31.33
N ARG B 121 -16.31 16.90 -31.63
CA ARG B 121 -17.55 17.66 -31.74
C ARG B 121 -18.66 16.94 -30.95
N PHE B 122 -19.27 17.64 -30.00
CA PHE B 122 -20.31 17.02 -29.19
C PHE B 122 -21.62 17.79 -29.10
N ALA B 123 -22.70 17.03 -28.96
CA ALA B 123 -24.03 17.59 -28.84
C ALA B 123 -24.69 17.07 -27.56
N PHE B 124 -25.98 17.41 -27.36
CA PHE B 124 -26.73 16.97 -26.20
C PHE B 124 -28.23 17.08 -26.39
N TYR B 125 -28.87 15.91 -26.43
CA TYR B 125 -30.32 15.78 -26.59
C TYR B 125 -30.89 15.80 -25.16
N GLY B 126 -31.69 16.81 -24.83
CA GLY B 126 -32.23 16.88 -23.48
C GLY B 126 -33.74 16.79 -23.36
N LEU B 127 -34.28 17.45 -22.34
CA LEU B 127 -35.72 17.47 -22.09
C LEU B 127 -36.15 18.91 -21.75
N PRO B 128 -37.43 19.24 -21.99
CA PRO B 128 -37.94 20.57 -21.71
C PRO B 128 -38.08 20.83 -20.21
N GLU B 129 -38.38 22.07 -19.85
CA GLU B 129 -38.60 22.38 -18.45
C GLU B 129 -39.89 21.62 -18.26
N SER B 130 -40.66 21.52 -19.35
CA SER B 130 -41.94 20.82 -19.41
C SER B 130 -41.96 19.45 -18.72
N SER B 131 -40.83 18.75 -18.76
CA SER B 131 -40.71 17.43 -18.16
C SER B 131 -40.21 17.51 -16.71
N GLY B 132 -41.12 17.25 -15.76
CA GLY B 132 -40.82 17.32 -14.34
C GLY B 132 -39.39 17.03 -13.90
N LYS B 133 -38.71 16.28 -14.75
CA LYS B 133 -37.34 15.84 -14.54
C LYS B 133 -36.32 16.97 -14.39
N ARG B 134 -35.95 17.24 -13.14
CA ARG B 134 -34.98 18.26 -12.82
C ARG B 134 -33.56 17.80 -13.12
N TRP B 135 -33.37 16.49 -13.27
CA TRP B 135 -32.05 15.96 -13.61
C TRP B 135 -31.78 16.28 -15.06
N ALA B 136 -32.86 16.43 -15.81
CA ALA B 136 -32.74 16.78 -17.20
C ALA B 136 -32.07 18.14 -17.15
N THR B 137 -32.82 19.14 -16.70
CA THR B 137 -32.34 20.53 -16.59
C THR B 137 -30.94 20.73 -15.92
N GLU B 138 -30.54 19.80 -15.06
CA GLU B 138 -29.23 19.91 -14.42
C GLU B 138 -28.16 19.35 -15.34
N ARG B 139 -28.26 18.07 -15.66
CA ARG B 139 -27.30 17.41 -16.55
C ARG B 139 -27.04 18.28 -17.77
N GLU B 140 -28.09 18.97 -18.22
CA GLU B 140 -28.00 19.85 -19.37
C GLU B 140 -27.02 20.94 -19.00
N TYR B 141 -27.18 21.48 -17.79
CA TYR B 141 -26.30 22.54 -17.32
C TYR B 141 -24.87 22.00 -17.22
N ALA B 142 -24.75 20.77 -16.75
CA ALA B 142 -23.43 20.18 -16.64
C ALA B 142 -22.83 20.15 -18.04
N PHE B 143 -23.53 19.61 -19.01
CA PHE B 143 -22.94 19.56 -20.33
C PHE B 143 -22.34 20.90 -20.71
N ARG B 144 -23.16 21.93 -20.66
CA ARG B 144 -22.74 23.27 -21.02
C ARG B 144 -21.40 23.58 -20.41
N GLN B 145 -21.37 23.42 -19.10
CA GLN B 145 -20.20 23.71 -18.33
C GLN B 145 -18.95 23.03 -18.85
N LEU B 146 -19.04 21.72 -19.11
CA LEU B 146 -17.88 20.97 -19.57
C LEU B 146 -17.66 20.93 -21.07
N VAL B 147 -18.34 21.79 -21.80
CA VAL B 147 -18.18 21.77 -23.24
C VAL B 147 -17.91 23.18 -23.75
N ALA B 148 -17.92 24.14 -22.80
CA ALA B 148 -17.68 25.55 -23.06
C ALA B 148 -16.27 25.92 -23.51
N GLU B 149 -15.27 25.09 -23.20
CA GLU B 149 -13.91 25.40 -23.65
C GLU B 149 -13.40 24.46 -24.73
N GLU B 150 -13.98 24.54 -25.93
CA GLU B 150 -13.56 23.65 -27.02
C GLU B 150 -13.62 24.34 -28.38
N LYS B 151 -12.84 23.85 -29.34
CA LYS B 151 -12.81 24.44 -30.68
C LYS B 151 -14.17 24.34 -31.38
N TYR B 152 -15.15 23.77 -30.68
CA TYR B 152 -16.46 23.64 -31.26
C TYR B 152 -17.49 23.80 -30.15
N ARG B 153 -18.36 24.79 -30.29
CA ARG B 153 -19.41 25.01 -29.29
C ARG B 153 -20.34 23.80 -29.36
N GLY B 154 -20.61 23.18 -28.22
CA GLY B 154 -21.50 22.03 -28.20
C GLY B 154 -22.96 22.43 -28.35
N VAL B 155 -23.75 21.61 -29.05
CA VAL B 155 -25.17 21.93 -29.26
C VAL B 155 -26.06 21.29 -28.20
N VAL B 156 -27.27 21.81 -28.06
CA VAL B 156 -28.18 21.28 -27.05
C VAL B 156 -29.59 21.22 -27.57
N TYR B 157 -30.20 20.05 -27.57
CA TYR B 157 -31.55 19.98 -28.07
C TYR B 157 -32.47 19.32 -27.06
N GLN B 158 -33.49 20.06 -26.64
CA GLN B 158 -34.47 19.55 -25.69
C GLN B 158 -35.62 18.96 -26.52
N GLY B 159 -35.87 17.66 -26.36
CA GLY B 159 -36.92 16.99 -27.11
C GLY B 159 -38.27 17.65 -27.03
N LEU B 160 -39.33 16.86 -27.18
CA LEU B 160 -40.68 17.41 -27.11
C LEU B 160 -41.32 16.98 -25.80
N GLU B 161 -41.43 15.66 -25.60
CA GLU B 161 -41.98 15.08 -24.39
C GLU B 161 -41.68 13.59 -24.45
N THR B 162 -41.49 12.98 -23.28
CA THR B 162 -41.20 11.57 -23.20
C THR B 162 -42.22 10.91 -24.12
N ALA B 163 -43.48 11.24 -23.86
CA ALA B 163 -44.61 10.76 -24.65
C ALA B 163 -44.98 11.98 -25.48
N PRO B 164 -44.30 12.17 -26.63
CA PRO B 164 -44.58 13.33 -27.49
C PRO B 164 -46.03 13.41 -28.01
N GLU B 165 -46.62 14.60 -27.90
CA GLU B 165 -47.99 14.83 -28.32
C GLU B 165 -48.26 14.16 -29.68
N ASN B 166 -47.25 14.15 -30.55
CA ASN B 166 -47.35 13.54 -31.88
C ASN B 166 -46.12 12.66 -32.14
N TRP B 167 -46.28 11.36 -31.97
CA TRP B 167 -45.20 10.43 -32.20
C TRP B 167 -44.46 10.80 -33.50
N GLN B 168 -45.21 11.18 -34.53
CA GLN B 168 -44.58 11.53 -35.79
C GLN B 168 -43.95 12.89 -35.81
N HIS B 169 -44.72 13.92 -35.49
CA HIS B 169 -44.20 15.28 -35.49
C HIS B 169 -42.88 15.29 -34.69
N ALA B 170 -42.82 14.43 -33.69
CA ALA B 170 -41.68 14.30 -32.82
C ALA B 170 -40.54 13.64 -33.58
N GLN B 171 -40.74 12.40 -34.02
CA GLN B 171 -39.68 11.68 -34.74
C GLN B 171 -39.01 12.53 -35.85
N ASN B 172 -39.81 13.40 -36.47
CA ASN B 172 -39.34 14.26 -37.57
C ASN B 172 -38.75 15.58 -37.11
N ARG B 173 -39.02 15.97 -35.86
CA ARG B 173 -38.49 17.21 -35.31
C ARG B 173 -37.05 16.98 -34.93
N LEU B 174 -36.73 15.71 -34.67
CA LEU B 174 -35.39 15.27 -34.29
C LEU B 174 -34.45 15.30 -35.49
N ALA B 175 -34.81 14.52 -36.51
CA ALA B 175 -34.05 14.43 -37.75
C ALA B 175 -33.51 15.82 -38.05
N ASP B 176 -34.43 16.75 -38.28
CA ASP B 176 -34.09 18.15 -38.60
C ASP B 176 -32.82 18.62 -37.91
N TRP B 177 -32.82 18.57 -36.58
CA TRP B 177 -31.64 18.98 -35.83
C TRP B 177 -30.52 17.96 -36.01
N LEU B 178 -30.79 16.72 -35.66
CA LEU B 178 -29.79 15.67 -35.78
C LEU B 178 -29.07 15.80 -37.11
N GLN B 179 -29.85 15.77 -38.18
CA GLN B 179 -29.38 15.85 -39.58
C GLN B 179 -28.77 17.19 -39.92
N THR B 180 -28.48 17.95 -38.87
CA THR B 180 -27.89 19.26 -39.00
C THR B 180 -26.58 19.20 -38.23
N LEU B 181 -26.34 18.08 -37.55
CA LEU B 181 -25.11 17.91 -36.78
C LEU B 181 -23.94 17.47 -37.68
N PRO B 182 -22.75 18.05 -37.48
CA PRO B 182 -21.54 17.73 -38.26
C PRO B 182 -21.17 16.25 -38.21
N PRO B 183 -20.35 15.78 -39.17
CA PRO B 183 -19.99 14.36 -39.13
C PRO B 183 -19.01 14.06 -37.97
N GLN B 184 -18.87 12.78 -37.60
CA GLN B 184 -18.00 12.33 -36.52
C GLN B 184 -18.26 13.14 -35.23
N THR B 185 -19.53 13.26 -34.88
CA THR B 185 -19.93 14.03 -33.70
C THR B 185 -20.66 13.18 -32.68
N GLY B 186 -20.08 13.02 -31.50
CA GLY B 186 -20.71 12.23 -30.46
C GLY B 186 -21.85 12.98 -29.76
N ILE B 187 -22.85 12.23 -29.32
CA ILE B 187 -24.02 12.79 -28.65
C ILE B 187 -24.28 12.17 -27.25
N ILE B 188 -24.82 12.95 -26.33
CA ILE B 188 -25.15 12.48 -24.99
C ILE B 188 -26.66 12.60 -24.85
N ALA B 189 -27.28 11.69 -24.12
CA ALA B 189 -28.71 11.76 -23.95
C ALA B 189 -28.96 11.84 -22.47
N VAL B 190 -29.91 12.66 -22.05
CA VAL B 190 -30.18 12.77 -20.63
C VAL B 190 -30.62 11.43 -20.00
N THR B 191 -31.26 10.59 -20.81
CA THR B 191 -31.73 9.26 -20.39
C THR B 191 -31.55 8.30 -21.54
N ASP B 192 -31.26 7.04 -21.25
CA ASP B 192 -31.10 6.06 -22.31
C ASP B 192 -32.32 6.10 -23.21
N ALA B 193 -33.49 6.20 -22.59
CA ALA B 193 -34.73 6.24 -23.37
C ALA B 193 -34.54 7.26 -24.49
N ARG B 194 -33.91 8.39 -24.14
CA ARG B 194 -33.65 9.46 -25.11
C ARG B 194 -32.63 9.05 -26.19
N ALA B 195 -31.51 8.48 -25.77
CA ALA B 195 -30.53 8.05 -26.74
C ALA B 195 -31.27 7.09 -27.69
N ARG B 196 -32.31 6.44 -27.18
CA ARG B 196 -33.11 5.50 -27.97
C ARG B 196 -33.94 6.25 -28.99
N HIS B 197 -34.52 7.37 -28.56
CA HIS B 197 -35.35 8.19 -29.42
C HIS B 197 -34.51 8.76 -30.55
N ILE B 198 -33.20 8.48 -30.51
CA ILE B 198 -32.27 8.94 -31.54
C ILE B 198 -31.96 7.71 -32.38
N LEU B 199 -31.61 6.62 -31.70
CA LEU B 199 -31.30 5.38 -32.38
C LEU B 199 -32.41 4.91 -33.30
N GLN B 200 -33.64 4.93 -32.81
CA GLN B 200 -34.78 4.50 -33.63
C GLN B 200 -34.91 5.39 -34.86
N VAL B 201 -34.27 6.56 -34.83
CA VAL B 201 -34.31 7.49 -35.95
C VAL B 201 -33.17 7.22 -36.93
N CYS B 202 -31.93 7.28 -36.46
CA CYS B 202 -30.79 7.02 -37.35
C CYS B 202 -30.93 5.70 -38.11
N GLU B 203 -31.89 4.88 -37.70
CA GLU B 203 -32.11 3.62 -38.39
C GLU B 203 -33.14 3.85 -39.47
N HIS B 204 -34.09 4.74 -39.22
CA HIS B 204 -35.12 5.06 -40.19
C HIS B 204 -34.40 5.92 -41.23
N LEU B 205 -33.87 7.07 -40.79
CA LEU B 205 -33.16 7.95 -41.69
C LEU B 205 -31.83 7.40 -42.21
N HIS B 206 -31.51 6.17 -41.86
CA HIS B 206 -30.28 5.57 -42.33
C HIS B 206 -29.10 6.45 -42.02
N ILE B 207 -28.77 6.60 -40.74
CA ILE B 207 -27.61 7.40 -40.35
C ILE B 207 -26.49 6.56 -39.74
N PRO B 208 -25.44 6.25 -40.53
CA PRO B 208 -24.31 5.45 -40.05
C PRO B 208 -23.89 5.80 -38.65
N VAL B 209 -24.07 4.83 -37.75
CA VAL B 209 -23.71 4.92 -36.34
C VAL B 209 -22.83 3.70 -36.04
N PRO B 210 -21.72 3.90 -35.34
CA PRO B 210 -21.25 5.19 -34.80
C PRO B 210 -20.37 5.91 -35.82
N GLU B 211 -20.53 5.55 -37.10
CA GLU B 211 -19.74 6.16 -38.15
C GLU B 211 -20.00 7.67 -38.32
N LYS B 212 -21.17 8.04 -38.80
CA LYS B 212 -21.49 9.45 -38.99
C LYS B 212 -21.54 10.08 -37.61
N LEU B 213 -22.49 9.66 -36.78
CA LEU B 213 -22.58 10.21 -35.44
C LEU B 213 -22.62 9.15 -34.30
N CYS B 214 -22.15 9.52 -33.11
CA CYS B 214 -22.14 8.64 -31.95
C CYS B 214 -23.31 8.93 -31.02
N VAL B 215 -23.74 7.92 -30.26
CA VAL B 215 -24.84 8.09 -29.30
C VAL B 215 -24.43 7.45 -27.98
N ILE B 216 -24.14 8.26 -26.98
CA ILE B 216 -23.76 7.80 -25.62
C ILE B 216 -25.00 7.87 -24.71
N GLY B 217 -25.31 6.74 -24.08
CA GLY B 217 -26.48 6.64 -23.21
C GLY B 217 -26.12 6.90 -21.77
N ILE B 218 -27.12 7.01 -20.90
CA ILE B 218 -26.81 7.33 -19.53
C ILE B 218 -27.62 6.65 -18.41
N ASP B 219 -28.11 5.45 -18.67
CA ASP B 219 -28.91 4.74 -17.68
C ASP B 219 -28.51 3.27 -17.60
N ASN B 220 -28.18 2.69 -18.74
CA ASN B 220 -27.82 1.29 -18.84
C ASN B 220 -29.01 0.42 -18.42
N GLU B 221 -30.19 0.76 -18.96
CA GLU B 221 -31.44 0.05 -18.69
C GLU B 221 -31.20 -1.28 -19.35
N GLU B 222 -31.51 -2.40 -18.73
CA GLU B 222 -31.11 -3.60 -19.42
C GLU B 222 -32.00 -4.25 -20.44
N LEU B 223 -33.30 -3.95 -20.43
CA LEU B 223 -34.26 -4.51 -21.41
C LEU B 223 -34.10 -3.90 -22.82
N THR B 224 -33.90 -2.59 -22.88
CA THR B 224 -33.70 -1.90 -24.14
C THR B 224 -32.35 -2.27 -24.78
N ARG B 225 -31.44 -2.80 -23.98
CA ARG B 225 -30.12 -3.22 -24.45
C ARG B 225 -30.21 -4.02 -25.75
N TYR B 226 -31.18 -4.94 -25.83
CA TYR B 226 -31.34 -5.79 -27.02
C TYR B 226 -32.60 -5.52 -27.86
N LEU B 227 -33.29 -4.41 -27.58
CA LEU B 227 -34.52 -4.01 -28.29
C LEU B 227 -34.34 -3.13 -29.55
N SER B 228 -33.14 -3.13 -30.10
CA SER B 228 -32.84 -2.38 -31.32
C SER B 228 -31.75 -3.18 -32.01
N ARG B 229 -31.26 -2.69 -33.15
CA ARG B 229 -30.19 -3.43 -33.81
C ARG B 229 -28.83 -2.99 -33.28
N VAL B 230 -28.70 -1.70 -33.02
CA VAL B 230 -27.47 -1.13 -32.49
C VAL B 230 -27.52 -1.10 -30.95
N ALA B 231 -26.41 -1.47 -30.30
CA ALA B 231 -26.36 -1.47 -28.83
C ALA B 231 -26.09 -0.06 -28.28
N LEU B 232 -26.68 0.29 -27.14
CA LEU B 232 -26.50 1.64 -26.61
C LEU B 232 -25.45 1.84 -25.52
N SER B 233 -24.25 2.25 -25.90
CA SER B 233 -23.21 2.51 -24.90
C SER B 233 -23.87 3.43 -23.88
N SER B 234 -23.63 3.18 -22.60
CA SER B 234 -24.27 3.98 -21.57
C SER B 234 -23.49 3.99 -20.27
N VAL B 235 -23.71 5.04 -19.48
CA VAL B 235 -23.09 5.23 -18.18
C VAL B 235 -24.01 4.63 -17.19
N ALA B 236 -23.41 3.92 -16.26
CA ALA B 236 -24.14 3.28 -15.19
C ALA B 236 -23.96 3.99 -13.86
N GLN B 237 -24.98 4.69 -13.36
CA GLN B 237 -24.90 5.38 -12.05
C GLN B 237 -24.47 4.37 -10.95
N GLY B 238 -24.34 4.81 -9.70
CA GLY B 238 -23.97 3.85 -8.67
C GLY B 238 -25.25 3.62 -7.91
N ALA B 239 -26.29 3.23 -8.63
CA ALA B 239 -27.60 3.04 -8.06
C ALA B 239 -27.71 2.11 -6.86
N ARG B 240 -27.08 0.95 -6.90
CA ARG B 240 -27.20 0.05 -5.76
C ARG B 240 -26.41 0.63 -4.59
N GLN B 241 -25.24 1.19 -4.89
CA GLN B 241 -24.38 1.81 -3.90
C GLN B 241 -25.07 3.03 -3.30
N MET B 242 -25.83 3.68 -4.16
CA MET B 242 -26.63 4.85 -3.83
C MET B 242 -27.73 4.45 -2.84
N GLY B 243 -28.42 3.36 -3.14
CA GLY B 243 -29.49 2.90 -2.27
C GLY B 243 -28.97 2.19 -1.04
N TYR B 244 -27.67 1.88 -1.04
CA TYR B 244 -27.04 1.20 0.09
C TYR B 244 -26.53 2.20 1.13
N GLN B 245 -26.25 3.44 0.71
CA GLN B 245 -25.79 4.46 1.64
C GLN B 245 -27.02 5.15 2.17
N ALA B 246 -28.15 4.85 1.53
CA ALA B 246 -29.43 5.41 1.91
C ALA B 246 -29.91 4.65 3.13
N ALA B 247 -29.73 3.34 3.11
CA ALA B 247 -30.14 2.45 4.20
C ALA B 247 -29.26 2.54 5.43
N LYS B 248 -27.95 2.66 5.20
CA LYS B 248 -26.95 2.77 6.25
C LYS B 248 -27.21 4.06 6.99
N LEU B 249 -27.79 5.02 6.28
CA LEU B 249 -28.10 6.31 6.85
C LEU B 249 -29.50 6.38 7.49
N LEU B 250 -30.43 5.49 7.11
CA LEU B 250 -31.76 5.52 7.74
C LEU B 250 -31.59 4.94 9.12
N HIS B 251 -30.94 3.79 9.20
CA HIS B 251 -30.68 3.12 10.47
C HIS B 251 -30.01 4.12 11.42
N ARG B 252 -28.80 4.56 11.08
CA ARG B 252 -28.05 5.49 11.89
C ARG B 252 -28.91 6.67 12.34
N LEU B 253 -29.79 7.09 11.44
CA LEU B 253 -30.68 8.20 11.73
C LEU B 253 -31.87 7.72 12.55
N LEU B 254 -32.15 6.42 12.49
CA LEU B 254 -33.26 5.87 13.26
C LEU B 254 -33.00 6.10 14.73
N ASP B 255 -31.72 6.06 15.11
CA ASP B 255 -31.30 6.31 16.50
C ASP B 255 -31.28 7.82 16.73
N LYS B 256 -32.23 8.52 16.11
CA LYS B 256 -32.36 9.96 16.19
C LYS B 256 -31.03 10.66 16.44
N GLU B 257 -30.04 10.29 15.61
CA GLU B 257 -28.73 10.89 15.70
C GLU B 257 -28.86 12.29 15.14
N GLU B 258 -27.89 13.14 15.47
CA GLU B 258 -27.91 14.53 15.02
C GLU B 258 -26.90 14.77 13.88
N MET B 259 -27.39 15.44 12.84
CA MET B 259 -26.59 15.80 11.66
C MET B 259 -27.17 17.03 10.99
N PRO B 260 -26.36 17.73 10.19
CA PRO B 260 -26.81 18.95 9.49
C PRO B 260 -27.52 18.66 8.16
N LEU B 261 -28.38 17.64 8.13
CA LEU B 261 -29.07 17.25 6.90
C LEU B 261 -28.01 17.02 5.81
N GLN B 262 -27.21 15.97 6.00
CA GLN B 262 -26.13 15.58 5.07
C GLN B 262 -26.55 15.36 3.61
N ARG B 263 -25.59 15.54 2.69
CA ARG B 263 -25.83 15.31 1.26
C ARG B 263 -24.60 14.60 0.67
N ILE B 264 -24.81 13.34 0.28
CA ILE B 264 -23.75 12.52 -0.29
C ILE B 264 -24.03 12.26 -1.76
N LEU B 265 -23.05 12.49 -2.63
CA LEU B 265 -23.27 12.25 -4.06
C LEU B 265 -22.69 10.92 -4.49
N VAL B 266 -23.55 9.99 -4.92
CA VAL B 266 -23.09 8.68 -5.36
C VAL B 266 -22.70 8.79 -6.83
N PRO B 267 -21.40 8.70 -7.14
CA PRO B 267 -20.90 8.79 -8.53
C PRO B 267 -21.18 7.51 -9.31
N PRO B 268 -21.15 7.57 -10.66
CA PRO B 268 -21.43 6.38 -11.46
C PRO B 268 -20.30 5.35 -11.40
N VAL B 269 -20.60 4.10 -11.77
CA VAL B 269 -19.60 3.03 -11.76
C VAL B 269 -18.55 3.12 -12.87
N ARG B 270 -18.97 2.79 -14.08
CA ARG B 270 -18.12 2.90 -15.26
C ARG B 270 -19.05 3.04 -16.45
N VAL B 271 -18.51 3.42 -17.61
CA VAL B 271 -19.30 3.59 -18.84
C VAL B 271 -19.26 2.30 -19.68
N ILE B 272 -20.41 1.78 -20.06
CA ILE B 272 -20.41 0.55 -20.84
C ILE B 272 -20.29 0.84 -22.33
N GLU B 273 -19.09 0.60 -22.85
CA GLU B 273 -18.82 0.82 -24.26
C GLU B 273 -19.43 -0.30 -25.10
N ARG B 274 -20.57 0.01 -25.72
CA ARG B 274 -21.28 -0.92 -26.58
C ARG B 274 -20.88 -0.56 -28.02
N ARG B 275 -21.82 -0.64 -28.98
CA ARG B 275 -21.51 -0.30 -30.39
C ARG B 275 -21.65 1.18 -30.75
N SER B 276 -22.76 1.79 -30.34
CA SER B 276 -23.04 3.18 -30.65
C SER B 276 -21.93 4.18 -30.32
N THR B 277 -20.73 3.67 -30.06
CA THR B 277 -19.59 4.53 -29.76
C THR B 277 -18.31 3.88 -30.24
N ASP B 278 -18.43 2.85 -31.07
CA ASP B 278 -17.25 2.14 -31.56
C ASP B 278 -16.39 3.01 -32.48
N TYR B 279 -16.65 4.31 -32.47
CA TYR B 279 -15.94 5.29 -33.30
C TYR B 279 -14.43 5.08 -33.36
N ARG B 280 -13.87 5.16 -34.58
CA ARG B 280 -12.44 4.98 -34.78
C ARG B 280 -11.86 5.92 -35.83
N SER B 281 -12.38 7.15 -35.87
CA SER B 281 -11.91 8.16 -36.82
C SER B 281 -12.03 7.68 -38.28
N LEU B 282 -13.20 7.90 -38.88
CA LEU B 282 -13.45 7.48 -40.26
C LEU B 282 -14.08 8.66 -41.05
N THR B 283 -13.29 9.24 -41.94
CA THR B 283 -13.77 10.38 -42.72
C THR B 283 -14.17 10.12 -44.16
N ASP B 284 -13.35 9.41 -44.92
CA ASP B 284 -13.67 9.14 -46.33
C ASP B 284 -15.11 8.66 -46.54
N PRO B 285 -15.83 9.27 -47.51
CA PRO B 285 -17.22 8.94 -47.85
C PRO B 285 -17.49 7.54 -48.42
N ALA B 286 -16.44 6.82 -48.78
CA ALA B 286 -16.60 5.47 -49.33
C ALA B 286 -16.32 4.49 -48.21
N VAL B 287 -15.60 4.98 -47.21
CA VAL B 287 -15.27 4.17 -46.05
C VAL B 287 -16.44 4.25 -45.07
N ILE B 288 -16.83 5.48 -44.71
CA ILE B 288 -17.93 5.68 -43.80
C ILE B 288 -19.05 4.75 -44.27
N GLN B 289 -19.24 4.68 -45.59
CA GLN B 289 -20.27 3.84 -46.21
C GLN B 289 -19.93 2.35 -46.23
N ALA B 290 -18.67 1.99 -46.44
CA ALA B 290 -18.28 0.58 -46.47
C ALA B 290 -18.19 -0.08 -45.09
N MET B 291 -17.34 0.46 -44.24
CA MET B 291 -17.11 -0.03 -42.88
C MET B 291 -18.40 -0.34 -42.19
N HIS B 292 -19.42 0.38 -42.62
CA HIS B 292 -20.77 0.32 -42.11
C HIS B 292 -21.65 -0.74 -42.79
N TYR B 293 -22.00 -0.49 -44.05
CA TYR B 293 -22.81 -1.44 -44.80
C TYR B 293 -22.62 -2.91 -44.36
N ILE B 294 -21.38 -3.22 -43.94
CA ILE B 294 -21.01 -4.54 -43.46
C ILE B 294 -21.78 -4.81 -42.19
N ARG B 295 -21.66 -3.85 -41.29
CA ARG B 295 -22.29 -3.90 -39.98
C ARG B 295 -23.72 -4.42 -39.90
N ASN B 296 -24.54 -3.88 -40.78
CA ASN B 296 -25.95 -4.21 -40.83
C ASN B 296 -26.28 -5.50 -41.58
N HIS B 297 -25.61 -5.72 -42.73
CA HIS B 297 -25.87 -6.85 -43.61
C HIS B 297 -24.80 -7.94 -43.71
N ALA B 298 -23.73 -7.78 -42.94
CA ALA B 298 -22.57 -8.75 -42.87
C ALA B 298 -22.80 -10.10 -42.14
N CYS B 299 -23.85 -10.14 -41.31
CA CYS B 299 -24.18 -11.37 -40.60
C CYS B 299 -24.75 -12.39 -41.59
N LYS B 300 -25.40 -11.87 -42.64
CA LYS B 300 -26.01 -12.68 -43.70
C LYS B 300 -24.98 -13.19 -44.71
N GLY B 301 -23.76 -13.41 -44.26
CA GLY B 301 -22.72 -13.88 -45.16
C GLY B 301 -22.49 -12.90 -46.27
N ILE B 302 -21.23 -12.55 -46.49
CA ILE B 302 -20.95 -11.60 -47.55
C ILE B 302 -19.66 -11.90 -48.30
N LYS B 303 -19.48 -11.22 -49.43
CA LYS B 303 -18.33 -11.41 -50.29
C LYS B 303 -17.58 -10.08 -50.50
N VAL B 304 -16.29 -10.15 -50.85
CA VAL B 304 -15.51 -8.94 -51.07
C VAL B 304 -16.35 -7.96 -51.89
N ASP B 305 -17.02 -8.47 -52.92
CA ASP B 305 -17.85 -7.65 -53.82
C ASP B 305 -19.25 -7.39 -53.30
N GLN B 306 -19.64 -8.11 -52.25
CA GLN B 306 -20.96 -7.90 -51.69
C GLN B 306 -20.97 -6.45 -51.20
N VAL B 307 -19.80 -5.82 -51.19
CA VAL B 307 -19.69 -4.42 -50.75
C VAL B 307 -19.47 -3.49 -51.93
N LEU B 308 -18.57 -3.88 -52.83
CA LEU B 308 -18.33 -3.04 -53.99
C LEU B 308 -19.65 -2.76 -54.73
N ASP B 309 -20.69 -3.58 -54.53
CA ASP B 309 -21.94 -3.30 -55.25
C ASP B 309 -22.75 -2.14 -54.69
N ALA B 310 -22.72 -2.02 -53.38
CA ALA B 310 -23.43 -1.02 -52.61
C ALA B 310 -22.60 0.24 -52.34
N VAL B 311 -21.28 0.10 -52.24
CA VAL B 311 -20.44 1.27 -51.95
C VAL B 311 -20.76 2.40 -52.91
N GLY B 312 -20.36 3.61 -52.53
CA GLY B 312 -20.58 4.75 -53.40
C GLY B 312 -19.45 4.90 -54.42
N ILE B 313 -18.60 3.86 -54.52
CA ILE B 313 -17.45 3.81 -55.46
C ILE B 313 -17.28 2.40 -56.08
N SER B 314 -16.63 2.37 -57.24
CA SER B 314 -16.38 1.11 -57.93
C SER B 314 -15.31 0.37 -57.12
N ARG B 315 -14.94 -0.83 -57.57
CA ARG B 315 -13.92 -1.65 -56.91
C ARG B 315 -12.55 -0.97 -56.98
N SER B 316 -12.24 -0.45 -58.16
CA SER B 316 -10.97 0.23 -58.44
C SER B 316 -10.37 1.03 -57.27
N ASN B 317 -11.13 2.01 -56.78
CA ASN B 317 -10.68 2.84 -55.68
C ASN B 317 -11.09 2.24 -54.34
N LEU B 318 -12.33 1.72 -54.30
CA LEU B 318 -12.90 1.11 -53.10
C LEU B 318 -11.91 0.42 -52.16
N GLU B 319 -11.31 -0.69 -52.61
CA GLU B 319 -10.36 -1.40 -51.75
C GLU B 319 -9.12 -0.53 -51.57
N LYS B 320 -8.74 0.18 -52.63
CA LYS B 320 -7.58 1.06 -52.57
C LYS B 320 -7.71 1.99 -51.37
N ARG B 321 -8.81 2.72 -51.23
CA ARG B 321 -8.89 3.64 -50.09
C ARG B 321 -9.12 3.15 -48.65
N PHE B 322 -9.76 1.99 -48.50
CA PHE B 322 -10.05 1.48 -47.17
C PHE B 322 -8.80 1.32 -46.30
N LYS B 323 -8.03 0.30 -46.61
CA LYS B 323 -6.79 -0.01 -45.90
C LYS B 323 -5.98 1.25 -45.61
N GLU B 324 -6.22 2.26 -46.43
CA GLU B 324 -5.54 3.52 -46.28
C GLU B 324 -5.99 4.19 -44.99
N GLU B 325 -7.29 4.21 -44.75
CA GLU B 325 -7.82 4.86 -43.56
C GLU B 325 -7.82 4.09 -42.23
N VAL B 326 -8.11 2.78 -42.27
CA VAL B 326 -8.14 1.97 -41.03
C VAL B 326 -6.96 0.99 -40.91
N GLY B 327 -6.32 0.67 -42.04
CA GLY B 327 -5.18 -0.23 -41.99
C GLY B 327 -5.57 -1.69 -42.05
N GLU B 328 -6.76 -1.96 -42.59
CA GLU B 328 -7.28 -3.33 -42.73
C GLU B 328 -7.79 -3.65 -44.13
N THR B 329 -8.57 -4.73 -44.25
CA THR B 329 -9.10 -5.11 -45.54
C THR B 329 -10.47 -5.76 -45.45
N ILE B 330 -11.07 -5.98 -46.61
CA ILE B 330 -12.38 -6.60 -46.71
C ILE B 330 -12.36 -8.04 -46.21
N HIS B 331 -11.24 -8.44 -45.61
CA HIS B 331 -11.08 -9.79 -45.05
C HIS B 331 -10.83 -9.64 -43.57
N ALA B 332 -9.73 -8.96 -43.23
CA ALA B 332 -9.38 -8.73 -41.83
C ALA B 332 -10.60 -8.17 -41.12
N MET B 333 -11.52 -7.58 -41.89
CA MET B 333 -12.73 -7.01 -41.32
C MET B 333 -13.86 -7.99 -41.28
N ILE B 334 -14.41 -8.32 -42.44
CA ILE B 334 -15.52 -9.24 -42.53
C ILE B 334 -15.35 -10.49 -41.68
N HIS B 335 -14.40 -11.36 -42.10
CA HIS B 335 -14.11 -12.62 -41.41
C HIS B 335 -13.77 -12.39 -39.93
N ALA B 336 -13.59 -11.12 -39.56
CA ALA B 336 -13.27 -10.75 -38.20
C ALA B 336 -14.50 -10.08 -37.59
N GLU B 337 -15.33 -9.50 -38.44
CA GLU B 337 -16.56 -8.84 -38.02
C GLU B 337 -17.64 -9.87 -37.73
N LYS B 338 -17.58 -10.99 -38.44
CA LYS B 338 -18.54 -12.05 -38.24
C LYS B 338 -18.35 -12.58 -36.83
N LEU B 339 -17.25 -12.19 -36.22
CA LEU B 339 -16.93 -12.60 -34.85
C LEU B 339 -17.85 -11.87 -33.88
N GLU B 340 -17.82 -10.53 -33.94
CA GLU B 340 -18.65 -9.70 -33.06
C GLU B 340 -20.11 -10.06 -33.08
N LYS B 341 -20.59 -10.43 -34.25
CA LYS B 341 -21.99 -10.82 -34.40
C LYS B 341 -22.25 -11.97 -33.45
N ALA B 342 -21.48 -13.05 -33.63
CA ALA B 342 -21.58 -14.25 -32.81
C ALA B 342 -21.48 -13.99 -31.30
N ARG B 343 -20.42 -13.31 -30.89
CA ARG B 343 -20.22 -13.00 -29.48
C ARG B 343 -21.47 -12.34 -28.94
N SER B 344 -21.94 -11.32 -29.63
CA SER B 344 -23.15 -10.61 -29.23
C SER B 344 -24.33 -11.58 -29.14
N LEU B 345 -24.33 -12.61 -29.98
CA LEU B 345 -25.41 -13.59 -29.97
C LEU B 345 -25.25 -14.64 -28.88
N LEU B 346 -24.24 -14.45 -28.03
CA LEU B 346 -24.00 -15.35 -26.90
C LEU B 346 -24.19 -14.52 -25.62
N ILE B 347 -23.75 -13.26 -25.67
CA ILE B 347 -23.88 -12.35 -24.55
C ILE B 347 -25.30 -11.80 -24.49
N SER B 348 -25.84 -11.31 -25.59
CA SER B 348 -27.20 -10.75 -25.55
C SER B 348 -28.28 -11.73 -25.97
N THR B 349 -27.92 -12.97 -26.27
CA THR B 349 -28.94 -13.94 -26.67
C THR B 349 -28.61 -15.40 -26.44
N THR B 350 -29.46 -16.07 -25.66
CA THR B 350 -29.30 -17.49 -25.33
C THR B 350 -29.69 -18.41 -26.47
N LEU B 351 -28.84 -18.46 -27.48
CA LEU B 351 -29.03 -19.29 -28.67
C LEU B 351 -28.02 -20.41 -28.74
N SER B 352 -28.41 -21.54 -29.32
CA SER B 352 -27.53 -22.69 -29.46
C SER B 352 -26.19 -22.30 -30.11
N ILE B 353 -25.10 -22.59 -29.39
CA ILE B 353 -23.74 -22.29 -29.85
C ILE B 353 -23.46 -22.76 -31.28
N ASN B 354 -24.09 -23.86 -31.66
CA ASN B 354 -23.92 -24.44 -32.98
C ASN B 354 -24.54 -23.51 -34.05
N GLU B 355 -25.76 -23.11 -33.77
CA GLU B 355 -26.53 -22.25 -34.65
C GLU B 355 -25.87 -20.91 -34.99
N ILE B 356 -25.36 -20.21 -33.98
CA ILE B 356 -24.71 -18.93 -34.23
C ILE B 356 -23.65 -19.17 -35.29
N SER B 357 -22.99 -20.33 -35.19
CA SER B 357 -21.93 -20.75 -36.11
C SER B 357 -22.37 -20.57 -37.58
N GLN B 358 -23.16 -21.51 -38.08
CA GLN B 358 -23.66 -21.43 -39.46
C GLN B 358 -24.35 -20.09 -39.64
N MET B 359 -25.47 -19.89 -38.96
CA MET B 359 -26.22 -18.65 -39.05
C MET B 359 -25.34 -17.50 -39.50
N CYS B 360 -24.33 -17.20 -38.68
CA CYS B 360 -23.38 -16.11 -38.92
C CYS B 360 -22.58 -16.22 -40.22
N GLY B 361 -22.24 -17.46 -40.60
CA GLY B 361 -21.49 -17.67 -41.83
C GLY B 361 -20.52 -18.84 -41.84
N TYR B 362 -19.67 -18.88 -40.84
CA TYR B 362 -18.64 -19.91 -40.69
C TYR B 362 -19.00 -21.34 -41.11
N PRO B 363 -17.98 -22.14 -41.47
CA PRO B 363 -18.18 -23.54 -41.89
C PRO B 363 -18.90 -24.34 -40.80
N SER B 364 -18.15 -24.87 -39.83
CA SER B 364 -18.74 -25.67 -38.73
C SER B 364 -18.49 -25.12 -37.34
N LEU B 365 -18.87 -25.91 -36.34
CA LEU B 365 -18.68 -25.54 -34.94
C LEU B 365 -17.23 -25.82 -34.59
N GLN B 366 -16.77 -26.99 -35.01
CA GLN B 366 -15.40 -27.43 -34.78
C GLN B 366 -14.39 -26.46 -35.41
N TYR B 367 -14.87 -25.65 -36.36
CA TYR B 367 -14.04 -24.66 -37.04
C TYR B 367 -14.33 -23.28 -36.47
N PHE B 368 -15.57 -23.05 -36.09
CA PHE B 368 -15.95 -21.77 -35.52
C PHE B 368 -15.17 -21.59 -34.23
N TYR B 369 -15.40 -22.51 -33.29
CA TYR B 369 -14.71 -22.47 -32.01
C TYR B 369 -13.24 -22.14 -32.30
N SER B 370 -12.70 -22.77 -33.35
CA SER B 370 -11.32 -22.53 -33.76
C SER B 370 -10.97 -21.05 -33.83
N VAL B 371 -11.47 -20.38 -34.87
CA VAL B 371 -11.22 -18.95 -35.10
C VAL B 371 -11.42 -18.10 -33.86
N PHE B 372 -12.47 -18.40 -33.10
CA PHE B 372 -12.77 -17.67 -31.87
C PHE B 372 -11.53 -17.70 -31.00
N LYS B 373 -10.81 -18.82 -31.06
CA LYS B 373 -9.59 -18.96 -30.29
C LYS B 373 -8.48 -18.08 -30.83
N LYS B 374 -8.32 -18.03 -32.16
CA LYS B 374 -7.25 -17.22 -32.70
C LYS B 374 -7.37 -15.79 -32.14
N ALA B 375 -8.60 -15.32 -31.95
CA ALA B 375 -8.85 -13.96 -31.44
C ALA B 375 -9.04 -13.87 -29.91
N TYR B 376 -10.28 -13.95 -29.46
CA TYR B 376 -10.57 -13.91 -28.03
C TYR B 376 -10.21 -15.31 -27.61
N ASP B 377 -9.11 -15.44 -26.88
CA ASP B 377 -8.57 -16.73 -26.45
C ASP B 377 -9.33 -17.54 -25.40
N THR B 378 -10.37 -18.22 -25.83
CA THR B 378 -11.14 -19.04 -24.92
C THR B 378 -11.93 -19.94 -25.82
N THR B 379 -13.13 -20.22 -25.37
CA THR B 379 -14.00 -21.03 -26.17
C THR B 379 -15.32 -20.32 -26.12
N PRO B 380 -16.10 -20.46 -27.23
CA PRO B 380 -17.43 -19.81 -27.32
C PRO B 380 -18.16 -20.07 -25.96
N LYS B 381 -18.07 -21.32 -25.51
CA LYS B 381 -18.73 -21.70 -24.28
C LYS B 381 -18.29 -20.89 -23.05
N GLU B 382 -16.98 -20.85 -22.80
CA GLU B 382 -16.41 -20.12 -21.66
C GLU B 382 -16.80 -18.63 -21.69
N TYR B 383 -16.63 -18.06 -22.89
CA TYR B 383 -16.92 -16.66 -23.15
C TYR B 383 -18.38 -16.32 -22.78
N ARG B 384 -19.28 -17.26 -23.07
CA ARG B 384 -20.69 -17.07 -22.75
C ARG B 384 -20.96 -16.95 -21.23
N ASP B 385 -20.35 -17.86 -20.47
CA ASP B 385 -20.52 -17.88 -19.03
C ASP B 385 -20.00 -16.63 -18.37
N VAL B 386 -18.83 -16.20 -18.83
CA VAL B 386 -18.20 -15.01 -18.27
C VAL B 386 -18.78 -13.66 -18.77
N ASN B 387 -19.42 -13.69 -19.93
CA ASN B 387 -19.91 -12.45 -20.47
C ASN B 387 -21.37 -12.30 -20.82
N SER B 388 -22.20 -13.31 -20.49
CA SER B 388 -23.62 -13.27 -20.89
C SER B 388 -24.49 -12.11 -20.33
N GLU B 389 -25.45 -11.70 -21.17
CA GLU B 389 -26.40 -10.59 -20.94
C GLU B 389 -25.62 -9.30 -20.68
N MET C 1 13.98 5.93 -25.68
CA MET C 1 14.10 5.35 -24.31
C MET C 1 15.47 5.68 -23.74
N PHE C 2 15.77 5.08 -22.59
CA PHE C 2 17.05 5.26 -21.89
C PHE C 2 17.61 3.91 -21.37
N THR C 3 18.53 3.27 -22.11
CA THR C 3 19.11 1.98 -21.70
C THR C 3 20.43 2.12 -20.95
N LYS C 4 20.79 3.35 -20.60
CA LYS C 4 22.03 3.54 -19.87
C LYS C 4 21.75 3.28 -18.40
N ARG C 5 21.91 2.02 -17.98
CA ARG C 5 21.67 1.63 -16.59
C ARG C 5 23.02 1.62 -15.86
N HIS C 6 23.26 2.57 -14.96
CA HIS C 6 24.53 2.60 -14.21
C HIS C 6 24.56 1.55 -13.12
N ARG C 7 25.75 1.01 -12.86
CA ARG C 7 25.91 0.02 -11.82
C ARG C 7 26.42 0.81 -10.61
N ILE C 8 25.48 1.33 -9.81
CA ILE C 8 25.79 2.11 -8.61
C ILE C 8 25.94 1.18 -7.41
N THR C 9 26.97 1.43 -6.63
CA THR C 9 27.25 0.60 -5.48
C THR C 9 27.19 1.36 -4.17
N LEU C 10 26.36 0.87 -3.25
CA LEU C 10 26.18 1.47 -1.94
C LEU C 10 27.06 0.78 -0.91
N LEU C 11 27.91 1.55 -0.21
CA LEU C 11 28.80 1.00 0.82
C LEU C 11 28.32 1.34 2.24
N PHE C 12 27.60 0.41 2.88
CA PHE C 12 27.07 0.61 4.24
C PHE C 12 27.00 -0.66 5.10
N ASN C 13 26.62 -0.47 6.36
CA ASN C 13 26.49 -1.58 7.28
C ASN C 13 25.03 -1.87 7.58
N ALA C 14 24.59 -3.06 7.18
CA ALA C 14 23.21 -3.46 7.38
C ALA C 14 22.88 -3.75 8.84
N ASN C 15 23.90 -3.84 9.71
CA ASN C 15 23.72 -4.15 11.14
C ASN C 15 23.20 -3.01 12.03
N LYS C 16 23.84 -1.86 12.00
CA LYS C 16 23.36 -0.74 12.82
C LYS C 16 22.06 -0.18 12.21
N ALA C 17 21.18 0.39 13.03
CA ALA C 17 19.91 0.94 12.55
C ALA C 17 20.06 2.23 11.78
N TYR C 18 21.29 2.74 11.72
CA TYR C 18 21.60 3.97 11.00
C TYR C 18 21.84 3.68 9.54
N ASP C 19 22.95 3.03 9.21
CA ASP C 19 23.24 2.74 7.83
C ASP C 19 21.97 2.35 7.09
N ARG C 20 21.23 1.40 7.65
CA ARG C 20 20.00 0.95 7.02
C ARG C 20 19.00 2.08 6.78
N GLN C 21 18.95 3.02 7.71
CA GLN C 21 18.08 4.20 7.61
C GLN C 21 18.44 5.02 6.33
N VAL C 22 19.70 4.91 5.92
CA VAL C 22 20.21 5.61 4.76
C VAL C 22 20.02 4.77 3.48
N VAL C 23 20.51 3.53 3.48
CA VAL C 23 20.38 2.67 2.31
C VAL C 23 18.94 2.68 1.81
N GLU C 24 17.97 2.60 2.70
CA GLU C 24 16.58 2.63 2.26
C GLU C 24 16.27 4.01 1.69
N GLY C 25 16.93 5.02 2.23
CA GLY C 25 16.74 6.39 1.78
C GLY C 25 17.16 6.60 0.34
N VAL C 26 18.05 5.73 -0.12
CA VAL C 26 18.53 5.77 -1.50
C VAL C 26 17.43 5.13 -2.33
N GLY C 27 17.02 3.94 -1.92
CA GLY C 27 15.97 3.23 -2.63
C GLY C 27 14.72 4.07 -2.69
N GLU C 28 14.78 5.25 -2.05
CA GLU C 28 13.66 6.18 -2.04
C GLU C 28 13.73 7.03 -3.29
N TYR C 29 14.95 7.36 -3.68
CA TYR C 29 15.16 8.16 -4.87
C TYR C 29 15.06 7.26 -6.11
N LEU C 30 15.30 5.96 -5.92
CA LEU C 30 15.21 5.03 -7.04
C LEU C 30 13.74 4.99 -7.43
N GLN C 31 12.88 5.39 -6.51
CA GLN C 31 11.47 5.35 -6.81
C GLN C 31 10.89 6.63 -7.43
N ALA C 32 11.46 7.78 -7.12
CA ALA C 32 10.99 9.07 -7.66
C ALA C 32 11.28 9.28 -9.15
N SER C 33 12.27 8.55 -9.67
CA SER C 33 12.60 8.71 -11.06
C SER C 33 12.60 7.42 -11.83
N GLN C 34 12.62 6.30 -11.11
CA GLN C 34 12.66 5.02 -11.83
C GLN C 34 13.95 5.13 -12.64
N SER C 35 15.01 5.60 -12.00
CA SER C 35 16.26 5.81 -12.71
C SER C 35 16.79 4.43 -13.15
N GLU C 36 17.61 4.47 -14.21
CA GLU C 36 18.24 3.33 -14.86
C GLU C 36 19.54 3.01 -14.14
N TRP C 37 19.39 2.52 -12.90
CA TRP C 37 20.54 2.24 -12.05
C TRP C 37 20.41 0.87 -11.52
N ASP C 38 21.56 0.27 -11.29
CA ASP C 38 21.54 -1.03 -10.68
C ASP C 38 22.25 -0.78 -9.33
N ILE C 39 21.42 -0.49 -8.32
CA ILE C 39 21.98 -0.22 -7.00
C ILE C 39 22.41 -1.57 -6.45
N PHE C 40 23.59 -1.56 -5.83
CA PHE C 40 24.21 -2.74 -5.29
C PHE C 40 24.63 -2.48 -3.85
N ILE C 41 23.96 -3.13 -2.91
CA ILE C 41 24.33 -2.95 -1.51
C ILE C 41 25.42 -3.90 -1.11
N GLU C 42 26.57 -3.31 -0.81
CA GLU C 42 27.75 -4.05 -0.40
C GLU C 42 28.64 -3.21 0.48
N GLU C 43 29.24 -3.87 1.46
CA GLU C 43 30.18 -3.24 2.36
C GLU C 43 30.41 -4.16 3.54
N PHE C 45 32.01 -6.95 4.90
CA PHE C 45 32.74 -7.89 4.06
C PHE C 45 33.77 -7.21 3.15
N ARG C 46 34.88 -7.90 2.88
CA ARG C 46 35.93 -7.37 2.00
C ARG C 46 36.25 -8.39 0.91
N TRP C 55 36.62 -3.42 -9.28
CA TRP C 55 35.55 -4.32 -8.88
C TRP C 55 34.23 -3.57 -8.58
N LEU C 56 34.35 -2.29 -8.23
CA LEU C 56 33.20 -1.45 -7.89
C LEU C 56 32.20 -1.29 -9.04
N GLY C 57 31.93 -0.06 -9.45
CA GLY C 57 30.99 0.17 -10.53
C GLY C 57 31.06 1.59 -11.07
N ASP C 58 29.90 2.16 -11.39
CA ASP C 58 29.84 3.52 -11.92
C ASP C 58 29.77 4.60 -10.83
N GLY C 59 28.67 4.58 -10.09
CA GLY C 59 28.44 5.52 -9.00
C GLY C 59 28.54 4.84 -7.64
N VAL C 60 29.11 5.53 -6.67
CA VAL C 60 29.28 4.94 -5.36
C VAL C 60 28.91 5.88 -4.23
N ILE C 61 28.41 5.28 -3.14
CA ILE C 61 28.02 5.97 -1.92
C ILE C 61 28.70 5.16 -0.80
N ALA C 62 29.11 5.81 0.29
CA ALA C 62 29.78 5.09 1.38
C ALA C 62 29.76 5.83 2.71
N ASP C 63 29.77 5.07 3.80
CA ASP C 63 29.77 5.62 5.16
C ASP C 63 31.16 6.20 5.42
N PHE C 64 31.34 7.47 5.05
CA PHE C 64 32.62 8.12 5.23
C PHE C 64 32.93 8.44 6.67
N ASP C 65 32.06 8.01 7.59
CA ASP C 65 32.31 8.25 9.00
C ASP C 65 33.44 7.33 9.36
N ASP C 66 33.63 6.34 8.50
CA ASP C 66 34.67 5.36 8.67
C ASP C 66 35.90 5.89 7.95
N LYS C 67 37.04 5.85 8.62
CA LYS C 67 38.26 6.35 7.99
C LYS C 67 38.77 5.36 6.95
N GLN C 68 38.80 4.07 7.28
CA GLN C 68 39.24 3.05 6.34
C GLN C 68 38.59 3.16 4.96
N ILE C 69 37.33 3.57 4.94
CA ILE C 69 36.58 3.76 3.70
C ILE C 69 37.20 4.86 2.83
N GLU C 70 37.78 5.88 3.45
CA GLU C 70 38.41 6.96 2.69
C GLU C 70 39.71 6.50 2.03
N GLN C 71 40.64 5.98 2.82
CA GLN C 71 41.91 5.49 2.29
C GLN C 71 41.65 4.32 1.35
N ALA C 72 40.44 3.79 1.40
CA ALA C 72 40.08 2.70 0.54
C ALA C 72 39.60 3.22 -0.81
N LEU C 73 39.01 4.43 -0.81
CA LEU C 73 38.50 5.06 -2.06
C LEU C 73 39.32 6.28 -2.56
N ALA C 74 40.24 6.80 -1.74
CA ALA C 74 40.95 7.98 -2.15
C ALA C 74 41.64 7.60 -3.43
N ASP C 75 41.40 8.40 -4.47
CA ASP C 75 42.07 8.23 -5.78
C ASP C 75 41.30 7.35 -6.80
N VAL C 76 40.15 6.79 -6.43
CA VAL C 76 39.44 6.14 -7.53
C VAL C 76 38.64 7.33 -8.12
N ASP C 77 38.46 7.33 -9.42
CA ASP C 77 37.79 8.43 -10.01
C ASP C 77 36.28 8.44 -10.11
N VAL C 78 35.62 7.28 -10.08
CA VAL C 78 34.17 7.23 -10.14
C VAL C 78 33.61 8.24 -9.09
N PRO C 79 32.50 8.96 -9.41
CA PRO C 79 31.86 9.86 -8.48
C PRO C 79 31.56 9.14 -7.14
N ILE C 80 31.97 9.68 -5.98
CA ILE C 80 31.67 9.12 -4.67
C ILE C 80 30.92 10.26 -3.95
N VAL C 81 29.92 9.85 -3.18
CA VAL C 81 29.22 10.79 -2.34
C VAL C 81 29.34 10.12 -0.94
N GLY C 82 30.07 10.77 -0.05
CA GLY C 82 30.17 10.26 1.30
C GLY C 82 28.97 10.61 2.13
N VAL C 83 28.59 9.71 3.04
CA VAL C 83 27.50 10.00 3.93
C VAL C 83 28.04 9.75 5.33
N GLY C 84 27.76 10.68 6.24
CA GLY C 84 28.19 10.52 7.63
C GLY C 84 27.70 11.62 8.55
N GLY C 85 28.36 11.75 9.70
CA GLY C 85 27.97 12.78 10.66
C GLY C 85 28.57 14.12 10.29
N SER C 86 28.05 15.19 10.89
CA SER C 86 28.54 16.54 10.63
C SER C 86 29.87 16.80 11.34
N TYR C 87 30.50 17.93 11.04
CA TYR C 87 31.77 18.30 11.66
C TYR C 87 31.72 19.79 11.91
N HIS C 88 32.13 20.21 13.10
CA HIS C 88 32.15 21.62 13.47
C HIS C 88 33.16 22.35 12.58
N LEU C 89 34.41 21.89 12.66
CA LEU C 89 35.48 22.46 11.86
C LEU C 89 35.27 22.10 10.39
N ALA C 90 35.27 23.12 9.54
CA ALA C 90 35.08 22.94 8.11
C ALA C 90 36.16 22.03 7.55
N GLU C 91 37.42 22.40 7.78
CA GLU C 91 38.52 21.58 7.28
C GLU C 91 38.37 20.13 7.72
N SER C 92 37.54 19.92 8.74
CA SER C 92 37.30 18.56 9.25
C SER C 92 36.79 17.65 8.14
N TYR C 93 35.63 18.00 7.56
CA TYR C 93 35.01 17.21 6.50
C TYR C 93 36.05 16.63 5.51
N PRO C 94 35.78 15.44 4.96
CA PRO C 94 36.68 14.76 4.01
C PRO C 94 36.72 15.40 2.61
N PRO C 95 37.79 15.11 1.82
CA PRO C 95 38.01 15.62 0.46
C PRO C 95 36.89 15.44 -0.59
N VAL C 96 35.95 14.55 -0.32
CA VAL C 96 34.85 14.28 -1.24
C VAL C 96 33.57 14.97 -0.78
N HIS C 97 32.54 14.92 -1.61
CA HIS C 97 31.28 15.58 -1.27
C HIS C 97 30.73 14.89 -0.04
N TYR C 98 29.83 15.52 0.66
CA TYR C 98 29.34 14.93 1.88
C TYR C 98 27.93 15.38 2.24
N ILE C 99 27.00 14.41 2.27
CA ILE C 99 25.64 14.66 2.74
C ILE C 99 25.83 14.04 4.11
N ALA C 100 25.63 14.82 5.18
CA ALA C 100 25.82 14.34 6.56
C ALA C 100 24.71 14.73 7.50
N THR C 101 24.66 14.04 8.63
CA THR C 101 23.66 14.34 9.64
C THR C 101 24.25 15.45 10.48
N ASP C 102 23.45 16.47 10.81
CA ASP C 102 24.00 17.56 11.60
C ASP C 102 23.99 17.30 13.09
N ASN C 103 25.09 16.73 13.58
CA ASN C 103 25.25 16.39 14.98
C ASN C 103 24.68 17.47 15.89
N TYR C 104 25.05 18.73 15.65
CA TYR C 104 24.54 19.81 16.50
C TYR C 104 23.03 19.74 16.61
N ALA C 105 22.35 19.80 15.47
CA ALA C 105 20.90 19.77 15.43
C ALA C 105 20.35 18.67 16.29
N LEU C 106 21.08 17.55 16.31
CA LEU C 106 20.72 16.37 17.07
C LEU C 106 20.78 16.54 18.58
N VAL C 107 22.00 16.71 19.06
CA VAL C 107 22.20 16.88 20.48
C VAL C 107 21.21 17.93 20.99
N GLU C 108 21.15 19.05 20.27
CA GLU C 108 20.29 20.21 20.59
C GLU C 108 18.79 19.92 20.65
N SER C 109 18.31 18.98 19.83
CA SER C 109 16.90 18.60 19.80
C SER C 109 16.58 17.89 21.11
N ALA C 110 17.47 17.00 21.53
CA ALA C 110 17.29 16.29 22.78
C ALA C 110 17.35 17.34 23.86
N PHE C 111 18.38 18.18 23.79
CA PHE C 111 18.59 19.25 24.74
C PHE C 111 17.29 19.96 25.05
N LEU C 112 16.69 20.58 24.03
CA LEU C 112 15.43 21.27 24.25
C LEU C 112 14.43 20.39 25.00
N HIS C 113 14.24 19.15 24.56
CA HIS C 113 13.30 18.26 25.21
C HIS C 113 13.50 18.27 26.74
N LEU C 114 14.76 18.32 27.18
CA LEU C 114 15.11 18.34 28.61
C LEU C 114 15.03 19.76 29.18
N LYS C 115 15.32 20.75 28.33
CA LYS C 115 15.30 22.16 28.70
C LYS C 115 13.84 22.59 28.80
N GLU C 116 12.96 21.60 28.65
CA GLU C 116 11.53 21.81 28.67
C GLU C 116 10.82 20.88 29.65
N LYS C 117 11.28 19.65 29.74
CA LYS C 117 10.68 18.69 30.63
C LYS C 117 10.86 19.02 32.10
N GLY C 118 11.74 19.99 32.40
CA GLY C 118 11.97 20.37 33.79
C GLY C 118 13.42 20.41 34.22
N VAL C 119 14.18 19.44 33.73
CA VAL C 119 15.60 19.29 34.02
C VAL C 119 16.42 20.55 33.74
N ASN C 120 17.19 20.94 34.75
CA ASN C 120 18.04 22.12 34.71
C ASN C 120 19.54 21.70 34.72
N ARG C 121 19.84 20.59 35.39
CA ARG C 121 21.19 20.05 35.48
C ARG C 121 21.36 18.97 34.39
N PHE C 122 22.28 19.22 33.44
CA PHE C 122 22.53 18.33 32.30
C PHE C 122 23.82 17.53 32.29
N ALA C 123 23.71 16.29 31.85
CA ALA C 123 24.85 15.41 31.77
C ALA C 123 25.10 14.93 30.36
N PHE C 124 26.18 14.17 30.21
CA PHE C 124 26.51 13.66 28.91
C PHE C 124 27.40 12.44 29.00
N TYR C 125 26.89 11.31 28.52
CA TYR C 125 27.62 10.04 28.50
C TYR C 125 28.04 9.83 27.05
N GLY C 126 29.34 9.82 26.79
CA GLY C 126 29.81 9.65 25.43
C GLY C 126 30.98 8.70 25.29
N LEU C 127 31.31 8.35 24.06
CA LEU C 127 32.39 7.43 23.82
C LEU C 127 33.75 8.03 24.18
N PRO C 128 34.77 7.16 24.34
CA PRO C 128 36.12 7.57 24.68
C PRO C 128 36.72 8.24 23.46
N GLU C 129 38.03 8.27 23.41
CA GLU C 129 38.73 8.85 22.26
C GLU C 129 38.82 7.66 21.32
N SER C 130 39.25 6.54 21.90
CA SER C 130 39.45 5.25 21.23
C SER C 130 38.49 4.96 20.10
N SER C 131 37.20 4.91 20.39
CA SER C 131 36.21 4.63 19.34
C SER C 131 36.41 5.71 18.28
N GLY C 132 37.14 5.36 17.23
CA GLY C 132 37.41 6.32 16.17
C GLY C 132 36.19 7.06 15.69
N LYS C 133 35.08 6.90 16.39
CA LYS C 133 33.83 7.52 16.03
C LYS C 133 33.94 9.00 16.18
N ARG C 134 34.32 9.66 15.10
CA ARG C 134 34.45 11.11 15.07
C ARG C 134 33.22 11.88 15.53
N TRP C 135 32.09 11.74 14.81
CA TRP C 135 30.86 12.45 15.17
C TRP C 135 30.71 12.55 16.66
N ALA C 136 31.10 11.48 17.36
CA ALA C 136 31.01 11.42 18.81
C ALA C 136 31.74 12.62 19.38
N THR C 137 33.04 12.75 19.10
CA THR C 137 33.81 13.87 19.64
C THR C 137 33.00 15.14 19.26
N GLU C 138 32.42 15.13 18.05
CA GLU C 138 31.62 16.30 17.63
C GLU C 138 30.28 16.58 18.42
N ARG C 139 29.58 15.50 18.79
CA ARG C 139 28.27 15.63 19.42
C ARG C 139 28.53 16.13 20.80
N GLU C 140 29.70 15.74 21.25
CA GLU C 140 30.19 16.12 22.61
C GLU C 140 30.46 17.63 22.75
N TYR C 141 31.24 18.11 21.77
CA TYR C 141 31.70 19.47 21.69
C TYR C 141 30.45 20.29 21.61
N ALA C 142 29.43 19.72 20.99
CA ALA C 142 28.15 20.43 20.82
C ALA C 142 27.55 20.65 22.18
N PHE C 143 27.52 19.57 22.93
CA PHE C 143 26.99 19.60 24.29
C PHE C 143 27.66 20.77 25.00
N ARG C 144 28.98 20.74 25.06
CA ARG C 144 29.74 21.79 25.74
C ARG C 144 29.20 23.18 25.49
N GLN C 145 28.72 23.44 24.28
CA GLN C 145 28.22 24.77 23.94
C GLN C 145 26.76 24.99 24.32
N LEU C 146 26.03 23.88 24.47
CA LEU C 146 24.62 23.95 24.77
C LEU C 146 24.37 24.25 26.23
N VAL C 147 25.33 23.89 27.07
CA VAL C 147 25.25 24.08 28.54
C VAL C 147 25.85 25.34 29.20
N ALA C 148 27.04 25.74 28.75
CA ALA C 148 27.80 26.91 29.25
C ALA C 148 26.90 27.98 29.81
N GLU C 149 25.98 28.46 28.99
CA GLU C 149 25.06 29.48 29.42
C GLU C 149 23.79 28.92 30.01
N GLU C 150 23.97 28.10 31.05
CA GLU C 150 22.86 27.52 31.77
C GLU C 150 23.04 27.95 33.23
N LYS C 151 22.75 27.05 34.14
CA LYS C 151 22.90 27.35 35.55
C LYS C 151 24.00 26.44 36.08
N TYR C 152 23.79 25.13 35.98
CA TYR C 152 24.73 24.12 36.48
C TYR C 152 25.53 23.43 35.40
N ARG C 153 26.83 23.65 35.39
CA ARG C 153 27.70 23.03 34.39
C ARG C 153 27.35 21.55 34.20
N GLY C 154 27.17 21.15 32.94
CA GLY C 154 26.85 19.77 32.66
C GLY C 154 28.00 18.85 32.97
N VAL C 155 27.88 17.58 32.61
CA VAL C 155 28.95 16.61 32.86
C VAL C 155 29.44 15.91 31.58
N VAL C 156 30.74 15.63 31.52
CA VAL C 156 31.30 14.97 30.35
C VAL C 156 32.01 13.68 30.69
N TYR C 157 31.28 12.57 30.57
CA TYR C 157 31.84 11.27 30.86
C TYR C 157 32.00 10.40 29.63
N GLN C 158 33.25 10.04 29.34
CA GLN C 158 33.54 9.15 28.22
C GLN C 158 33.53 7.72 28.80
N GLY C 159 32.56 6.92 28.37
CA GLY C 159 32.42 5.55 28.85
C GLY C 159 33.66 4.70 28.76
N LEU C 160 33.68 3.76 27.83
CA LEU C 160 34.82 2.88 27.65
C LEU C 160 34.73 2.16 26.31
N GLU C 161 33.73 1.27 26.23
CA GLU C 161 33.49 0.49 25.04
C GLU C 161 32.09 -0.13 25.16
N THR C 162 31.46 -0.39 24.03
CA THR C 162 30.12 -1.00 23.98
C THR C 162 30.31 -2.45 24.43
N ALA C 163 31.36 -3.06 23.87
CA ALA C 163 31.76 -4.44 24.14
C ALA C 163 33.24 -4.37 24.54
N PRO C 164 33.54 -3.71 25.68
CA PRO C 164 34.91 -3.58 26.13
C PRO C 164 35.64 -4.89 26.42
N GLU C 165 36.90 -4.77 26.83
CA GLU C 165 37.77 -5.90 27.15
C GLU C 165 37.38 -6.65 28.45
N ASN C 166 36.95 -5.88 29.46
CA ASN C 166 36.53 -6.40 30.77
C ASN C 166 35.16 -5.81 31.19
N TRP C 167 34.14 -6.05 30.37
CA TRP C 167 32.76 -5.56 30.54
C TRP C 167 32.24 -5.23 31.95
N GLN C 168 32.68 -6.04 32.90
CA GLN C 168 32.36 -5.99 34.31
C GLN C 168 32.83 -4.67 34.87
N HIS C 169 34.12 -4.44 34.70
CA HIS C 169 34.75 -3.24 35.21
C HIS C 169 34.04 -2.03 34.62
N ALA C 170 33.61 -2.13 33.38
CA ALA C 170 32.88 -1.00 32.80
C ALA C 170 31.70 -0.71 33.73
N GLN C 171 30.97 -1.73 34.14
CA GLN C 171 29.83 -1.51 35.05
C GLN C 171 30.23 -0.58 36.15
N ASN C 172 31.32 -0.98 36.80
CA ASN C 172 31.87 -0.26 37.93
C ASN C 172 31.95 1.21 37.69
N ARG C 173 32.77 1.59 36.74
CA ARG C 173 32.97 2.98 36.43
C ARG C 173 31.73 3.73 36.01
N LEU C 174 30.76 3.18 35.26
CA LEU C 174 29.69 4.12 34.95
C LEU C 174 28.66 4.15 36.07
N ALA C 175 28.74 3.17 36.95
CA ALA C 175 27.86 3.14 38.11
C ALA C 175 28.30 4.29 39.04
N ASP C 176 29.60 4.45 39.12
CA ASP C 176 30.28 5.45 39.94
C ASP C 176 29.91 6.86 39.56
N TRP C 177 30.17 7.20 38.30
CA TRP C 177 29.87 8.53 37.78
C TRP C 177 28.36 8.74 37.89
N LEU C 178 27.62 7.70 37.53
CA LEU C 178 26.16 7.74 37.55
C LEU C 178 25.69 8.14 38.92
N GLN C 179 26.27 7.52 39.96
CA GLN C 179 25.87 7.84 41.32
C GLN C 179 26.42 9.20 41.77
N THR C 180 27.17 9.86 40.91
CA THR C 180 27.71 11.18 41.23
C THR C 180 26.74 12.27 40.79
N LEU C 181 25.87 11.94 39.83
CA LEU C 181 24.86 12.89 39.42
C LEU C 181 23.69 13.25 40.39
N PRO C 182 23.33 14.55 40.41
CA PRO C 182 22.26 15.06 41.27
C PRO C 182 20.89 14.52 40.80
N PRO C 183 19.91 14.42 41.71
CA PRO C 183 18.59 13.92 41.31
C PRO C 183 18.08 14.84 40.21
N GLN C 184 17.25 14.31 39.31
CA GLN C 184 16.69 15.11 38.20
C GLN C 184 17.73 15.68 37.21
N THR C 185 18.55 14.80 36.65
CA THR C 185 19.55 15.25 35.71
C THR C 185 19.14 14.75 34.32
N GLY C 186 19.62 15.41 33.29
CA GLY C 186 19.29 14.95 31.95
C GLY C 186 20.52 14.26 31.42
N ILE C 187 20.37 13.03 30.96
CA ILE C 187 21.48 12.27 30.38
C ILE C 187 21.26 12.13 28.84
N ILE C 188 21.96 12.93 28.06
CA ILE C 188 21.84 12.86 26.61
C ILE C 188 23.00 11.96 26.21
N ALA C 189 22.68 10.74 25.78
CA ALA C 189 23.71 9.77 25.37
C ALA C 189 23.98 9.89 23.87
N VAL C 190 25.21 10.18 23.49
CA VAL C 190 25.58 10.34 22.09
C VAL C 190 24.83 9.41 21.17
N THR C 191 24.46 8.24 21.68
CA THR C 191 23.78 7.23 20.87
C THR C 191 22.77 6.37 21.62
N ASP C 192 21.82 5.83 20.89
CA ASP C 192 20.81 4.95 21.49
C ASP C 192 21.46 3.62 21.79
N ALA C 193 22.74 3.50 21.47
CA ALA C 193 23.44 2.25 21.73
C ALA C 193 24.04 2.31 23.13
N ARG C 194 24.86 3.32 23.39
CA ARG C 194 25.46 3.46 24.71
C ARG C 194 24.50 4.12 25.65
N ALA C 195 23.38 4.59 25.09
CA ALA C 195 22.34 5.22 25.89
C ALA C 195 21.75 4.17 26.81
N ARG C 196 21.57 2.94 26.30
CA ARG C 196 21.01 1.84 27.10
C ARG C 196 21.91 1.52 28.28
N HIS C 197 23.22 1.51 28.03
CA HIS C 197 24.18 1.22 29.08
C HIS C 197 23.80 2.00 30.33
N ILE C 198 23.21 3.18 30.13
CA ILE C 198 22.77 3.99 31.25
C ILE C 198 21.55 3.28 31.88
N LEU C 199 20.52 2.96 31.09
CA LEU C 199 19.31 2.30 31.62
C LEU C 199 19.35 0.86 32.16
N GLN C 200 20.40 0.11 31.82
CA GLN C 200 20.58 -1.26 32.27
C GLN C 200 21.46 -1.25 33.55
N VAL C 201 22.21 -0.16 33.78
CA VAL C 201 23.02 -0.02 34.98
C VAL C 201 22.10 0.60 35.99
N CYS C 202 21.29 1.54 35.52
CA CYS C 202 20.31 2.25 36.35
C CYS C 202 19.20 1.30 36.81
N GLU C 203 19.20 0.11 36.23
CA GLU C 203 18.22 -0.91 36.56
C GLU C 203 18.81 -1.72 37.70
N HIS C 204 20.13 -1.71 37.77
CA HIS C 204 20.85 -2.45 38.79
C HIS C 204 21.15 -1.64 40.07
N LEU C 205 21.13 -0.31 39.97
CA LEU C 205 21.37 0.53 41.14
C LEU C 205 20.02 0.92 41.73
N HIS C 206 18.96 0.29 41.23
CA HIS C 206 17.61 0.53 41.68
C HIS C 206 17.33 2.02 41.57
N ILE C 207 18.02 2.68 40.63
CA ILE C 207 17.87 4.13 40.41
C ILE C 207 16.66 4.52 39.56
N PRO C 208 15.84 5.42 40.09
CA PRO C 208 14.64 5.92 39.43
C PRO C 208 14.91 6.52 38.06
N VAL C 209 13.99 6.23 37.14
CA VAL C 209 14.06 6.69 35.77
C VAL C 209 12.64 6.65 35.24
N PRO C 210 12.09 7.81 34.85
CA PRO C 210 12.78 9.10 34.91
C PRO C 210 12.53 9.91 36.20
N GLU C 211 12.19 9.23 37.31
CA GLU C 211 11.92 9.91 38.60
C GLU C 211 13.14 10.65 39.13
N LYS C 212 14.29 9.97 39.19
CA LYS C 212 15.52 10.61 39.65
C LYS C 212 16.21 11.15 38.40
N LEU C 213 16.97 10.33 37.69
CA LEU C 213 17.59 10.85 36.49
C LEU C 213 16.84 10.44 35.20
N CYS C 214 16.92 11.32 34.20
CA CYS C 214 16.29 11.15 32.88
C CYS C 214 17.30 10.84 31.77
N VAL C 215 17.06 9.74 31.04
CA VAL C 215 17.92 9.28 29.95
C VAL C 215 17.35 9.65 28.56
N ILE C 216 18.23 9.79 27.57
CA ILE C 216 17.83 10.11 26.20
C ILE C 216 18.96 9.79 25.17
N GLY C 217 18.63 9.03 24.11
CA GLY C 217 19.61 8.67 23.08
C GLY C 217 19.47 9.38 21.72
N ILE C 218 20.35 9.19 20.74
CA ILE C 218 20.15 10.00 19.49
C ILE C 218 20.00 9.16 18.26
N ASP C 219 19.77 7.89 18.43
CA ASP C 219 19.67 7.00 17.29
C ASP C 219 18.26 6.66 16.76
N ASN C 220 17.44 6.34 17.75
CA ASN C 220 16.06 5.92 17.57
C ASN C 220 16.15 4.49 17.09
N GLU C 221 17.12 3.74 17.63
CA GLU C 221 17.30 2.36 17.24
C GLU C 221 16.04 1.59 17.58
N GLU C 222 15.47 0.97 16.55
CA GLU C 222 14.25 0.19 16.66
C GLU C 222 14.45 -1.16 17.34
N LEU C 223 15.66 -1.70 17.23
CA LEU C 223 15.99 -2.99 17.83
C LEU C 223 15.84 -2.93 19.35
N THR C 224 16.73 -2.18 19.98
CA THR C 224 16.73 -2.07 21.43
C THR C 224 15.47 -1.46 22.06
N ARG C 225 14.78 -0.57 21.34
CA ARG C 225 13.55 0.07 21.85
C ARG C 225 12.93 -0.77 22.93
N TYR C 226 12.35 -1.89 22.51
CA TYR C 226 11.70 -2.84 23.40
C TYR C 226 12.65 -3.31 24.51
N LEU C 227 13.52 -4.25 24.17
CA LEU C 227 14.50 -4.84 25.09
C LEU C 227 14.60 -4.43 26.57
N SER C 228 14.74 -3.13 26.85
CA SER C 228 14.85 -2.63 28.25
C SER C 228 13.53 -2.03 28.77
N ARG C 229 12.84 -2.71 29.67
CA ARG C 229 11.54 -2.22 30.21
C ARG C 229 11.31 -0.71 30.16
N VAL C 230 12.34 0.03 30.55
CA VAL C 230 12.30 1.49 30.57
C VAL C 230 12.36 2.04 29.15
N ALA C 231 11.20 2.12 28.49
CA ALA C 231 11.15 2.64 27.12
C ALA C 231 12.12 3.81 26.95
N LEU C 232 13.19 3.60 26.20
CA LEU C 232 14.18 4.64 26.00
C LEU C 232 13.60 5.69 25.07
N SER C 233 13.91 6.95 25.34
CA SER C 233 13.39 8.04 24.51
C SER C 233 14.52 8.53 23.61
N SER C 234 14.33 8.43 22.29
CA SER C 234 15.39 8.82 21.36
C SER C 234 15.15 9.96 20.40
N VAL C 235 16.24 10.46 19.83
CA VAL C 235 16.20 11.54 18.85
C VAL C 235 16.12 10.94 17.45
N ALA C 236 14.92 10.59 17.01
CA ALA C 236 14.77 10.04 15.68
C ALA C 236 15.53 10.95 14.69
N GLN C 237 16.55 10.40 14.01
CA GLN C 237 17.40 11.14 13.06
C GLN C 237 16.73 11.55 11.74
N GLY C 238 17.55 11.86 10.74
CA GLY C 238 17.03 12.20 9.42
C GLY C 238 17.76 11.42 8.34
N ALA C 239 18.21 10.22 8.73
CA ALA C 239 18.95 9.33 7.85
C ALA C 239 18.21 8.93 6.58
N ARG C 240 16.90 9.15 6.56
CA ARG C 240 16.11 8.86 5.38
C ARG C 240 16.35 9.97 4.36
N GLN C 241 16.02 11.21 4.72
CA GLN C 241 16.23 12.38 3.87
C GLN C 241 17.71 12.50 3.46
N MET C 242 18.55 11.70 4.10
CA MET C 242 19.98 11.65 3.84
C MET C 242 20.19 10.79 2.61
N GLY C 243 19.55 9.63 2.59
CA GLY C 243 19.69 8.71 1.46
C GLY C 243 19.02 9.17 0.18
N TYR C 244 18.01 10.01 0.31
CA TYR C 244 17.33 10.53 -0.87
C TYR C 244 18.18 11.58 -1.63
N GLN C 245 18.86 12.48 -0.93
CA GLN C 245 19.70 13.49 -1.57
C GLN C 245 21.05 12.83 -1.89
N ALA C 246 21.26 11.69 -1.25
CA ALA C 246 22.46 10.88 -1.40
C ALA C 246 22.43 10.44 -2.84
N ALA C 247 21.23 10.14 -3.34
CA ALA C 247 21.03 9.69 -4.72
C ALA C 247 20.78 10.87 -5.67
N LYS C 248 20.05 11.87 -5.17
CA LYS C 248 19.77 13.05 -6.00
C LYS C 248 21.10 13.71 -6.37
N LEU C 249 22.09 13.67 -5.48
CA LEU C 249 23.38 14.27 -5.80
C LEU C 249 24.17 13.35 -6.73
N LEU C 250 24.19 12.05 -6.45
CA LEU C 250 24.94 11.11 -7.29
C LEU C 250 24.38 11.03 -8.71
N HIS C 251 23.08 11.32 -8.87
CA HIS C 251 22.46 11.32 -10.18
C HIS C 251 23.01 12.50 -10.93
N ARG C 252 22.86 13.67 -10.30
CA ARG C 252 23.36 14.90 -10.82
C ARG C 252 24.85 14.75 -11.07
N LEU C 253 25.50 13.84 -10.35
CA LEU C 253 26.93 13.60 -10.53
C LEU C 253 27.09 12.69 -11.73
N LEU C 254 26.13 11.82 -12.06
CA LEU C 254 26.40 11.01 -13.25
C LEU C 254 26.15 11.83 -14.53
N ASP C 255 26.26 13.16 -14.39
CA ASP C 255 26.08 14.12 -15.48
C ASP C 255 27.22 15.13 -15.55
N LYS C 256 28.40 14.67 -15.13
CA LYS C 256 29.63 15.47 -15.10
C LYS C 256 29.38 16.95 -14.84
N GLU C 257 28.38 17.22 -14.00
CA GLU C 257 28.03 18.59 -13.66
C GLU C 257 29.21 19.39 -13.09
N GLU C 258 29.03 20.71 -13.11
CA GLU C 258 30.02 21.67 -12.64
C GLU C 258 29.60 22.12 -11.25
N MET C 259 30.04 21.37 -10.24
CA MET C 259 29.69 21.69 -8.86
C MET C 259 30.92 21.54 -7.96
N PRO C 260 31.07 22.44 -6.97
CA PRO C 260 32.20 22.39 -6.04
C PRO C 260 31.99 21.24 -5.03
N LEU C 261 32.99 20.94 -4.20
CA LEU C 261 32.86 19.88 -3.22
C LEU C 261 31.64 20.13 -2.33
N GLN C 262 30.61 19.29 -2.49
CA GLN C 262 29.34 19.39 -1.75
C GLN C 262 29.40 19.01 -0.25
N ARG C 263 28.87 19.89 0.61
CA ARG C 263 28.83 19.69 2.07
C ARG C 263 27.49 20.14 2.67
N ILE C 264 26.46 19.29 2.53
CA ILE C 264 25.11 19.58 3.03
C ILE C 264 24.72 18.71 4.24
N LEU C 265 24.25 19.38 5.30
CA LEU C 265 23.85 18.71 6.56
C LEU C 265 22.38 18.38 6.61
N VAL C 266 22.02 17.34 7.36
CA VAL C 266 20.62 16.94 7.47
C VAL C 266 20.16 16.97 8.91
N PRO C 267 19.22 17.86 9.22
CA PRO C 267 18.73 17.93 10.60
C PRO C 267 17.73 16.80 10.83
N PRO C 268 17.57 16.37 12.10
CA PRO C 268 16.65 15.31 12.51
C PRO C 268 15.22 15.79 12.50
N VAL C 269 14.30 14.87 12.20
CA VAL C 269 12.90 15.21 12.15
C VAL C 269 12.32 15.43 13.53
N ARG C 270 11.87 14.37 14.18
CA ARG C 270 11.28 14.50 15.51
C ARG C 270 12.00 13.70 16.60
N VAL C 271 11.55 13.87 17.84
CA VAL C 271 12.14 13.17 18.96
C VAL C 271 11.06 12.39 19.70
N ILE C 272 11.05 11.06 19.50
CA ILE C 272 10.06 10.18 20.13
C ILE C 272 10.18 10.16 21.63
N GLU C 273 9.07 10.39 22.32
CA GLU C 273 9.07 10.44 23.78
C GLU C 273 8.61 9.18 24.48
N ARG C 274 9.45 8.67 25.37
CA ARG C 274 9.12 7.47 26.09
C ARG C 274 9.35 7.70 27.57
N ARG C 275 9.26 6.60 28.34
CA ARG C 275 9.44 6.66 29.79
C ARG C 275 10.70 7.39 30.17
N SER C 276 11.83 6.98 29.60
CA SER C 276 13.08 7.61 29.93
C SER C 276 13.05 9.11 30.20
N THR C 277 12.13 9.83 29.58
CA THR C 277 12.08 11.28 29.76
C THR C 277 10.75 11.82 30.25
N ASP C 278 9.78 10.92 30.39
CA ASP C 278 8.43 11.21 30.87
C ASP C 278 8.51 11.61 32.33
N TYR C 279 9.36 12.59 32.60
CA TYR C 279 9.54 13.06 33.94
C TYR C 279 8.48 14.07 34.32
N ARG C 280 8.12 14.04 35.59
CA ARG C 280 7.10 14.91 36.16
C ARG C 280 7.69 15.48 37.46
N SER C 281 7.66 16.81 37.59
CA SER C 281 8.22 17.50 38.78
C SER C 281 7.61 17.00 40.09
N LEU C 282 8.38 16.17 40.78
CA LEU C 282 8.01 15.56 42.05
C LEU C 282 9.24 15.43 42.95
N THR C 283 9.31 16.28 43.97
CA THR C 283 10.44 16.32 44.92
C THR C 283 10.20 15.67 46.29
N ASP C 284 9.03 15.07 46.47
CA ASP C 284 8.64 14.43 47.75
C ASP C 284 9.11 12.96 47.79
N PRO C 285 10.39 12.70 48.18
CA PRO C 285 10.94 11.33 48.26
C PRO C 285 9.96 10.16 48.44
N ALA C 286 9.03 10.24 49.40
CA ALA C 286 8.09 9.13 49.54
C ALA C 286 7.23 8.90 48.27
N VAL C 287 6.70 9.93 47.65
CA VAL C 287 5.95 9.65 46.44
C VAL C 287 6.84 9.39 45.18
N ILE C 288 8.14 9.71 45.29
CA ILE C 288 9.09 9.51 44.19
C ILE C 288 9.25 8.02 43.92
N GLN C 289 9.74 7.29 44.93
CA GLN C 289 9.94 5.84 44.83
C GLN C 289 8.56 5.12 44.80
N ALA C 290 7.52 5.78 45.31
CA ALA C 290 6.16 5.21 45.33
C ALA C 290 5.78 4.84 43.91
N MET C 291 5.88 5.83 43.02
CA MET C 291 5.56 5.67 41.60
C MET C 291 6.58 4.78 40.89
N HIS C 292 7.69 4.46 41.55
CA HIS C 292 8.70 3.61 40.91
C HIS C 292 8.08 2.24 40.67
N TYR C 293 7.25 1.78 41.59
CA TYR C 293 6.58 0.49 41.44
C TYR C 293 5.28 0.74 40.68
N ILE C 294 4.65 1.88 40.96
CA ILE C 294 3.40 2.24 40.31
C ILE C 294 3.60 2.39 38.80
N ARG C 295 4.82 2.75 38.38
CA ARG C 295 5.12 2.91 36.96
C ARG C 295 6.01 1.77 36.42
N ASN C 296 6.38 0.82 37.28
CA ASN C 296 7.24 -0.31 36.89
C ASN C 296 6.56 -1.68 36.85
N HIS C 297 5.96 -2.08 37.97
CA HIS C 297 5.31 -3.38 38.04
C HIS C 297 3.83 -3.36 38.42
N ALA C 298 3.26 -2.17 38.61
CA ALA C 298 1.85 -2.03 38.98
C ALA C 298 0.90 -2.68 37.97
N CYS C 299 1.33 -2.66 36.71
CA CYS C 299 0.57 -3.25 35.61
C CYS C 299 0.32 -4.74 35.83
N LYS C 300 1.05 -5.31 36.80
CA LYS C 300 0.95 -6.73 37.13
C LYS C 300 -0.32 -7.04 37.93
N GLY C 301 -0.66 -6.16 38.87
CA GLY C 301 -1.83 -6.37 39.69
C GLY C 301 -1.44 -6.76 41.12
N ILE C 302 -1.00 -5.77 41.89
CA ILE C 302 -0.56 -5.96 43.28
C ILE C 302 -1.44 -5.21 44.31
N LYS C 303 -1.43 -5.68 45.57
CA LYS C 303 -2.22 -5.05 46.64
C LYS C 303 -1.90 -3.57 46.79
N VAL C 304 -2.86 -2.81 47.30
CA VAL C 304 -2.67 -1.37 47.49
C VAL C 304 -1.76 -1.09 48.70
N ASP C 305 -0.87 -2.04 49.00
CA ASP C 305 0.08 -1.89 50.10
C ASP C 305 1.44 -2.29 49.59
N GLN C 306 1.49 -3.06 48.50
CA GLN C 306 2.76 -3.48 47.95
C GLN C 306 3.43 -2.20 47.43
N VAL C 307 2.65 -1.12 47.46
CA VAL C 307 3.09 0.19 46.97
C VAL C 307 3.63 1.27 47.96
N LEU C 308 3.36 1.15 49.26
CA LEU C 308 3.81 2.15 50.26
C LEU C 308 5.13 1.81 50.99
N ASP C 309 5.58 0.58 50.87
CA ASP C 309 6.79 0.19 51.57
C ASP C 309 8.08 0.39 50.78
N ALA C 310 8.09 0.11 49.47
CA ALA C 310 9.33 0.29 48.73
C ALA C 310 9.80 1.76 48.78
N VAL C 311 8.83 2.67 48.85
CA VAL C 311 9.08 4.09 48.90
C VAL C 311 10.08 4.56 49.96
N GLY C 312 9.60 4.56 51.21
CA GLY C 312 10.42 4.96 52.33
C GLY C 312 9.62 5.00 53.61
N ILE C 313 8.30 4.94 53.49
CA ILE C 313 7.44 4.99 54.68
C ILE C 313 6.33 3.89 54.72
N SER C 314 5.35 4.04 55.61
CA SER C 314 4.25 3.08 55.79
C SER C 314 3.03 3.31 54.85
N ARG C 315 1.80 3.26 55.38
CA ARG C 315 0.58 3.49 54.57
C ARG C 315 -0.03 4.88 54.75
N SER C 316 -0.32 5.22 55.99
CA SER C 316 -0.92 6.51 56.31
C SER C 316 0.17 7.58 56.35
N ASN C 317 1.39 7.15 56.69
CA ASN C 317 2.56 8.04 56.80
C ASN C 317 3.34 8.22 55.50
N LEU C 318 2.93 7.54 54.43
CA LEU C 318 3.62 7.65 53.14
C LEU C 318 2.78 8.35 52.08
N GLU C 319 1.53 7.91 51.99
CA GLU C 319 0.58 8.48 51.04
C GLU C 319 0.20 9.90 51.51
N LYS C 320 0.57 10.21 52.76
CA LYS C 320 0.32 11.53 53.39
C LYS C 320 0.52 12.69 52.41
N ARG C 321 1.74 12.87 51.89
CA ARG C 321 2.02 13.95 50.94
C ARG C 321 1.83 13.51 49.49
N PHE C 322 0.65 12.95 49.21
CA PHE C 322 0.30 12.48 47.88
C PHE C 322 -0.54 13.56 47.23
N LYS C 323 -1.37 14.20 48.06
CA LYS C 323 -2.24 15.30 47.64
C LYS C 323 -1.34 16.41 47.07
N GLU C 324 -0.11 16.45 47.58
CA GLU C 324 0.89 17.43 47.18
C GLU C 324 1.32 17.15 45.74
N GLU C 325 1.66 15.89 45.48
CA GLU C 325 2.11 15.45 44.15
C GLU C 325 1.06 15.64 43.06
N VAL C 326 0.24 14.62 42.85
CA VAL C 326 -0.80 14.63 41.82
C VAL C 326 -2.11 15.28 42.22
N GLY C 327 -2.39 15.27 43.52
CA GLY C 327 -3.63 15.86 44.00
C GLY C 327 -4.51 14.78 44.60
N GLU C 328 -4.49 13.59 44.01
CA GLU C 328 -5.28 12.46 44.51
C GLU C 328 -4.44 11.51 45.36
N THR C 329 -5.06 10.41 45.79
CA THR C 329 -4.37 9.42 46.60
C THR C 329 -3.69 8.38 45.71
N ILE C 330 -3.70 7.13 46.15
CA ILE C 330 -3.08 6.04 45.39
C ILE C 330 -4.15 5.40 44.50
N HIS C 331 -5.29 5.08 45.09
CA HIS C 331 -6.43 4.45 44.41
C HIS C 331 -7.07 5.39 43.37
N ALA C 332 -6.63 6.65 43.38
CA ALA C 332 -7.10 7.66 42.44
C ALA C 332 -6.06 7.87 41.33
N MET C 333 -5.24 6.85 41.08
CA MET C 333 -4.21 6.86 40.05
C MET C 333 -3.96 5.42 39.57
N ILE C 334 -4.49 4.44 40.30
CA ILE C 334 -4.36 3.01 39.98
C ILE C 334 -5.30 2.67 38.80
N HIS C 335 -6.30 3.54 38.60
CA HIS C 335 -7.28 3.40 37.53
C HIS C 335 -7.08 4.52 36.50
N ALA C 336 -5.82 4.97 36.39
CA ALA C 336 -5.39 6.01 35.46
C ALA C 336 -3.86 5.98 35.34
N GLU C 337 -3.28 4.77 35.33
CA GLU C 337 -1.83 4.57 35.21
C GLU C 337 -1.53 3.14 34.72
N LYS C 338 -2.07 2.14 35.41
CA LYS C 338 -1.85 0.73 35.02
C LYS C 338 -2.28 0.56 33.56
N LEU C 339 -3.24 1.38 33.15
CA LEU C 339 -3.77 1.39 31.79
C LEU C 339 -2.65 1.77 30.80
N GLU C 340 -1.88 2.78 31.18
CA GLU C 340 -0.77 3.29 30.38
C GLU C 340 0.34 2.27 30.17
N LYS C 341 0.44 1.33 31.11
CA LYS C 341 1.44 0.27 31.06
C LYS C 341 0.86 -0.81 30.14
N ALA C 342 -0.40 -0.61 29.75
CA ALA C 342 -1.13 -1.53 28.89
C ALA C 342 -1.37 -0.91 27.52
N ARG C 343 -1.78 0.36 27.50
CA ARG C 343 -2.06 1.08 26.26
C ARG C 343 -0.84 1.21 25.37
N SER C 344 0.35 1.18 25.96
CA SER C 344 1.57 1.27 25.17
C SER C 344 1.87 -0.05 24.47
N LEU C 345 1.32 -1.16 24.98
CA LEU C 345 1.54 -2.48 24.36
C LEU C 345 0.82 -2.57 23.00
N LEU C 346 0.39 -1.42 22.48
CA LEU C 346 -0.28 -1.35 21.19
C LEU C 346 0.59 -0.51 20.25
N ILE C 347 0.89 0.72 20.68
CA ILE C 347 1.69 1.67 19.92
C ILE C 347 3.08 1.20 19.47
N SER C 348 3.95 0.81 20.41
CA SER C 348 5.31 0.37 20.07
C SER C 348 5.60 -1.15 20.27
N THR C 349 4.56 -1.97 20.37
CA THR C 349 4.74 -3.42 20.52
C THR C 349 3.87 -4.14 19.50
N THR C 350 4.44 -5.17 18.90
CA THR C 350 3.76 -5.98 17.89
C THR C 350 2.66 -6.87 18.47
N LEU C 351 1.90 -6.35 19.44
CA LEU C 351 0.86 -7.14 20.08
C LEU C 351 -0.61 -6.79 19.75
N SER C 352 -1.52 -7.50 20.42
CA SER C 352 -2.97 -7.36 20.27
C SER C 352 -3.59 -6.44 21.35
N ILE C 353 -4.89 -6.64 21.65
CA ILE C 353 -5.62 -5.86 22.67
C ILE C 353 -6.29 -6.80 23.70
N ASN C 354 -6.55 -8.05 23.31
CA ASN C 354 -7.17 -9.01 24.21
C ASN C 354 -6.09 -9.40 25.22
N GLU C 355 -4.85 -9.45 24.71
CA GLU C 355 -3.67 -9.79 25.51
C GLU C 355 -3.50 -8.79 26.67
N ILE C 356 -3.48 -7.49 26.35
CA ILE C 356 -3.30 -6.43 27.34
C ILE C 356 -4.46 -6.29 28.35
N SER C 357 -5.71 -6.43 27.88
CA SER C 357 -6.91 -6.35 28.73
C SER C 357 -6.87 -7.41 29.86
N GLN C 358 -6.23 -8.54 29.57
CA GLN C 358 -6.09 -9.64 30.52
C GLN C 358 -4.93 -9.33 31.48
N MET C 359 -3.83 -8.83 30.93
CA MET C 359 -2.63 -8.48 31.68
C MET C 359 -2.99 -7.50 32.79
N CYS C 360 -3.58 -6.38 32.42
CA CYS C 360 -3.99 -5.36 33.38
C CYS C 360 -5.26 -5.84 34.10
N GLY C 361 -5.89 -6.87 33.54
CA GLY C 361 -7.08 -7.42 34.13
C GLY C 361 -8.39 -6.69 33.84
N TYR C 362 -9.04 -7.07 32.76
CA TYR C 362 -10.31 -6.47 32.39
C TYR C 362 -11.18 -7.59 31.87
N PRO C 363 -12.28 -7.89 32.57
CA PRO C 363 -13.24 -8.95 32.23
C PRO C 363 -13.57 -9.03 30.74
N SER C 364 -13.38 -7.90 30.05
CA SER C 364 -13.65 -7.79 28.61
C SER C 364 -13.00 -6.53 28.05
N LEU C 365 -13.32 -6.20 26.80
CA LEU C 365 -12.79 -5.01 26.15
C LEU C 365 -13.72 -3.84 26.50
N GLN C 366 -14.89 -4.18 27.04
CA GLN C 366 -15.94 -3.21 27.45
C GLN C 366 -15.43 -2.39 28.63
N TYR C 367 -14.76 -3.07 29.54
CA TYR C 367 -14.21 -2.45 30.74
C TYR C 367 -12.97 -1.65 30.33
N PHE C 368 -12.21 -2.22 29.39
CA PHE C 368 -11.00 -1.58 28.86
C PHE C 368 -11.50 -0.31 28.16
N TYR C 369 -12.75 -0.35 27.72
CA TYR C 369 -13.39 0.78 27.06
C TYR C 369 -13.72 1.82 28.10
N SER C 370 -14.26 1.33 29.21
CA SER C 370 -14.68 2.15 30.35
C SER C 370 -13.69 3.23 30.78
N VAL C 371 -12.71 2.86 31.59
CA VAL C 371 -11.68 3.77 32.11
C VAL C 371 -10.78 4.36 31.01
N PHE C 372 -11.22 4.25 29.75
CA PHE C 372 -10.47 4.75 28.62
C PHE C 372 -10.99 6.12 28.23
N LYS C 373 -12.22 6.40 28.65
CA LYS C 373 -12.88 7.66 28.35
C LYS C 373 -12.83 8.64 29.53
N LYS C 374 -12.38 8.16 30.70
CA LYS C 374 -12.26 8.95 31.96
C LYS C 374 -11.14 10.00 31.94
N ALA C 375 -10.49 10.14 30.78
CA ALA C 375 -9.39 11.10 30.54
C ALA C 375 -9.30 11.43 29.04
N TYR C 376 -9.71 10.49 28.18
CA TYR C 376 -9.73 10.66 26.72
C TYR C 376 -11.04 10.05 26.23
N ASP C 377 -12.08 10.90 26.08
CA ASP C 377 -13.41 10.48 25.64
C ASP C 377 -13.39 9.44 24.51
N THR C 378 -12.21 9.22 23.95
CA THR C 378 -11.99 8.26 22.87
C THR C 378 -12.30 6.81 23.31
N THR C 379 -12.03 5.84 22.43
CA THR C 379 -12.28 4.43 22.74
C THR C 379 -11.06 3.57 22.37
N PRO C 380 -10.95 2.35 22.94
CA PRO C 380 -9.82 1.44 22.67
C PRO C 380 -9.53 1.21 21.19
N LYS C 381 -10.60 1.12 20.39
CA LYS C 381 -10.47 0.93 18.96
C LYS C 381 -10.37 2.28 18.22
N GLU C 382 -10.83 3.36 18.87
CA GLU C 382 -10.77 4.71 18.28
C GLU C 382 -9.43 5.39 18.59
N TYR C 383 -8.69 4.78 19.52
CA TYR C 383 -7.38 5.25 19.96
C TYR C 383 -6.30 4.26 19.52
N ARG C 384 -6.71 3.04 19.16
CA ARG C 384 -5.79 2.00 18.71
C ARG C 384 -5.35 2.30 17.27
N ASP C 385 -6.26 2.84 16.47
CA ASP C 385 -5.94 3.16 15.08
C ASP C 385 -5.52 4.62 14.92
N VAL C 386 -6.36 5.53 15.43
CA VAL C 386 -6.10 6.97 15.34
C VAL C 386 -4.74 7.40 15.93
N ASN C 387 -4.08 6.52 16.69
CA ASN C 387 -2.79 6.85 17.31
C ASN C 387 -1.63 5.88 17.14
N SER C 388 -1.92 4.64 16.72
CA SER C 388 -0.88 3.61 16.56
C SER C 388 0.34 4.07 15.77
N GLU C 389 1.52 3.91 16.37
CA GLU C 389 2.81 4.30 15.77
C GLU C 389 3.08 5.80 15.92
#